data_8FW8
#
_entry.id   8FW8
#
_cell.length_a   58.180
_cell.length_b   85.048
_cell.length_c   211.805
_cell.angle_alpha   90.00
_cell.angle_beta   91.24
_cell.angle_gamma   90.00
#
_symmetry.space_group_name_H-M   'I 1 2 1'
#
loop_
_entity.id
_entity.type
_entity.pdbx_description
1 polymer 'HTH-type transcriptional regulator MtrR'
2 non-polymer '3-CYCLOHEXYL-1-PROPYLSULFONIC ACID'
3 non-polymer 'PHOSPHATE ION'
4 non-polymer PROGESTERONE
5 water water
#
_entity_poly.entity_id   1
_entity_poly.type   'polypeptide(L)'
_entity_poly.pdbx_seq_one_letter_code
;SNAMRKTKTEALKTKEHLMLAALETFYRKGIARTSLNEIAQAAGVTRGALYWHFKNKEDLFDALFQRICDDIENCIAQDA
ADAEGGSWTVFRHTLLHFFERLQSNDIHYKFHNILFLKCEHTEQNAAVIAIARKHQAIWREKITAVLTEAVENQDLADDL
DKETAVIFIKSTLDGLIWRWFSSGESFDLGKTAPRIIGIMMDNLENHPCLRRK
;
_entity_poly.pdbx_strand_id   A,B,C,D
#
loop_
_chem_comp.id
_chem_comp.type
_chem_comp.name
_chem_comp.formula
CXS non-polymer '3-CYCLOHEXYL-1-PROPYLSULFONIC ACID' 'C9 H19 N O3 S'
PO4 non-polymer 'PHOSPHATE ION' 'O4 P -3'
STR non-polymer PROGESTERONE 'C21 H30 O2'
#
# COMPACT_ATOMS: atom_id res chain seq x y z
N THR A 14 -20.94 5.47 16.09
CA THR A 14 -21.71 4.59 15.20
C THR A 14 -21.38 4.88 13.73
N LYS A 15 -21.90 6.02 13.25
CA LYS A 15 -21.68 6.40 11.86
C LYS A 15 -20.19 6.45 11.52
N GLU A 16 -19.34 6.75 12.50
CA GLU A 16 -17.90 6.81 12.23
C GLU A 16 -17.32 5.45 11.89
N HIS A 17 -17.89 4.38 12.44
CA HIS A 17 -17.39 3.05 12.06
C HIS A 17 -17.73 2.72 10.62
N LEU A 18 -18.88 3.21 10.15
CA LEU A 18 -19.31 2.93 8.79
C LEU A 18 -18.49 3.71 7.78
N MET A 19 -18.09 4.93 8.14
CA MET A 19 -17.26 5.75 7.27
C MET A 19 -15.87 5.15 7.04
N LEU A 20 -15.24 4.62 8.10
CA LEU A 20 -13.86 4.17 7.96
C LEU A 20 -13.77 2.90 7.14
N ALA A 21 -14.76 2.01 7.30
CA ALA A 21 -14.82 0.83 6.44
C ALA A 21 -15.02 1.23 4.98
N ALA A 22 -15.89 2.21 4.73
CA ALA A 22 -16.05 2.75 3.39
C ALA A 22 -14.72 3.31 2.88
N LEU A 23 -14.04 4.09 3.71
CA LEU A 23 -12.73 4.63 3.31
C LEU A 23 -11.75 3.50 3.01
N GLU A 24 -11.75 2.48 3.86
CA GLU A 24 -10.81 1.38 3.67
C GLU A 24 -11.12 0.60 2.39
N THR A 25 -12.40 0.33 2.12
CA THR A 25 -12.78 -0.36 0.89
C THR A 25 -12.49 0.49 -0.34
N PHE A 26 -12.90 1.77 -0.30
CA PHE A 26 -12.58 2.71 -1.37
C PHE A 26 -11.09 2.70 -1.68
N TYR A 27 -10.26 2.64 -0.63
CA TYR A 27 -8.81 2.67 -0.81
C TYR A 27 -8.26 1.41 -1.50
N ARG A 28 -8.90 0.25 -1.33
CA ARG A 28 -8.35 -0.98 -1.92
C ARG A 28 -8.86 -1.27 -3.32
N LYS A 29 -10.14 -1.00 -3.61
CA LYS A 29 -10.74 -1.31 -4.91
C LYS A 29 -11.09 -0.08 -5.73
N GLY A 30 -10.96 1.13 -5.18
CA GLY A 30 -11.50 2.31 -5.81
C GLY A 30 -13.01 2.43 -5.60
N ILE A 31 -13.52 3.61 -5.93
CA ILE A 31 -14.93 3.89 -5.64
C ILE A 31 -15.84 3.13 -6.59
N ALA A 32 -15.49 3.09 -7.87
CA ALA A 32 -16.37 2.47 -8.87
C ALA A 32 -16.68 1.02 -8.52
N ARG A 33 -15.64 0.20 -8.36
CA ARG A 33 -15.81 -1.23 -8.11
C ARG A 33 -16.06 -1.58 -6.65
N THR A 34 -16.48 -0.62 -5.83
CA THR A 34 -16.90 -0.85 -4.45
C THR A 34 -18.41 -0.87 -4.38
N SER A 35 -18.97 -1.84 -3.64
CA SER A 35 -20.41 -1.93 -3.42
C SER A 35 -20.75 -1.66 -1.96
N LEU A 36 -22.00 -1.25 -1.72
CA LEU A 36 -22.48 -1.10 -0.34
C LEU A 36 -22.28 -2.39 0.44
N ASN A 37 -22.76 -3.50 -0.12
CA ASN A 37 -22.52 -4.85 0.41
C ASN A 37 -21.12 -5.04 0.96
N GLU A 38 -20.11 -4.69 0.16
CA GLU A 38 -18.74 -4.82 0.58
C GLU A 38 -18.44 -3.92 1.78
N ILE A 39 -18.99 -2.70 1.79
CA ILE A 39 -18.74 -1.80 2.92
C ILE A 39 -19.40 -2.35 4.17
N ALA A 40 -20.67 -2.76 4.07
CA ALA A 40 -21.37 -3.24 5.26
C ALA A 40 -20.66 -4.46 5.86
N GLN A 41 -20.12 -5.33 5.00
CA GLN A 41 -19.36 -6.47 5.49
C GLN A 41 -18.10 -6.02 6.21
N ALA A 42 -17.31 -5.14 5.60
CA ALA A 42 -16.09 -4.67 6.24
C ALA A 42 -16.38 -4.05 7.60
N ALA A 43 -17.46 -3.30 7.71
CA ALA A 43 -17.83 -2.78 9.03
C ALA A 43 -18.47 -3.84 9.90
N GLY A 44 -18.78 -5.00 9.34
CA GLY A 44 -19.47 -6.06 10.05
C GLY A 44 -20.87 -5.68 10.50
N VAL A 45 -21.68 -5.13 9.59
CA VAL A 45 -23.09 -4.86 9.85
C VAL A 45 -23.91 -5.31 8.63
N THR A 46 -25.22 -5.40 8.83
CA THR A 46 -26.08 -5.84 7.75
C THR A 46 -26.26 -4.72 6.73
N ARG A 47 -26.57 -5.12 5.49
CA ARG A 47 -26.95 -4.13 4.48
C ARG A 47 -28.04 -3.22 5.01
N GLY A 48 -28.98 -3.76 5.78
CA GLY A 48 -30.02 -2.92 6.37
C GLY A 48 -29.50 -1.89 7.35
N ALA A 49 -28.48 -2.25 8.14
CA ALA A 49 -27.97 -1.33 9.17
C ALA A 49 -27.16 -0.18 8.56
N LEU A 50 -26.40 -0.45 7.51
CA LEU A 50 -25.70 0.62 6.81
C LEU A 50 -26.71 1.63 6.25
N TYR A 51 -27.78 1.13 5.63
CA TYR A 51 -28.70 2.00 4.91
C TYR A 51 -29.33 3.03 5.82
N TRP A 52 -29.59 2.68 7.09
CA TRP A 52 -30.18 3.65 8.01
C TRP A 52 -29.31 4.89 8.12
N HIS A 53 -27.99 4.73 8.13
CA HIS A 53 -27.08 5.86 8.30
C HIS A 53 -26.65 6.49 6.98
N PHE A 54 -26.45 5.70 5.94
CA PHE A 54 -25.92 6.18 4.66
C PHE A 54 -26.73 5.53 3.54
N LYS A 55 -27.42 6.34 2.75
CA LYS A 55 -28.36 5.73 1.81
C LYS A 55 -27.66 5.22 0.56
N ASN A 56 -26.41 5.57 0.32
CA ASN A 56 -25.68 5.08 -0.85
C ASN A 56 -24.20 5.43 -0.67
N LYS A 57 -23.39 4.96 -1.64
CA LYS A 57 -21.95 5.19 -1.62
C LYS A 57 -21.64 6.68 -1.69
N GLU A 58 -22.38 7.39 -2.54
CA GLU A 58 -22.30 8.85 -2.62
C GLU A 58 -22.31 9.51 -1.26
N ASP A 59 -23.20 9.06 -0.37
CA ASP A 59 -23.37 9.73 0.91
C ASP A 59 -22.19 9.46 1.84
N LEU A 60 -21.67 8.23 1.82
CA LEU A 60 -20.45 7.92 2.57
C LEU A 60 -19.26 8.73 2.07
N PHE A 61 -19.09 8.83 0.76
CA PHE A 61 -18.04 9.67 0.22
C PHE A 61 -18.23 11.12 0.67
N ASP A 62 -19.48 11.59 0.63
CA ASP A 62 -19.80 12.93 1.12
C ASP A 62 -19.37 13.12 2.57
N ALA A 63 -19.76 12.20 3.46
CA ALA A 63 -19.39 12.33 4.87
C ALA A 63 -17.87 12.27 5.05
N LEU A 64 -17.19 11.44 4.25
CA LEU A 64 -15.74 11.35 4.36
C LEU A 64 -15.06 12.65 3.94
N PHE A 65 -15.43 13.20 2.78
CA PHE A 65 -14.94 14.53 2.44
C PHE A 65 -15.25 15.54 3.55
N GLN A 66 -16.41 15.39 4.19
CA GLN A 66 -16.80 16.33 5.24
C GLN A 66 -15.86 16.24 6.44
N ARG A 67 -15.48 15.01 6.84
CA ARG A 67 -14.55 14.87 7.96
C ARG A 67 -13.18 15.45 7.62
N ILE A 68 -12.76 15.36 6.36
CA ILE A 68 -11.48 15.93 5.96
C ILE A 68 -11.52 17.44 6.11
N CYS A 69 -12.56 18.07 5.55
CA CYS A 69 -12.69 19.52 5.65
C CYS A 69 -12.85 19.96 7.11
N ASP A 70 -13.56 19.17 7.92
CA ASP A 70 -13.72 19.53 9.32
C ASP A 70 -12.41 19.43 10.08
N ASP A 71 -11.61 18.39 9.78
CA ASP A 71 -10.28 18.27 10.36
C ASP A 71 -9.47 19.53 10.08
N ILE A 72 -9.46 19.97 8.82
CA ILE A 72 -8.69 21.14 8.43
C ILE A 72 -9.25 22.40 9.11
N GLU A 73 -10.57 22.51 9.21
CA GLU A 73 -11.16 23.70 9.84
C GLU A 73 -10.80 23.78 11.32
N ASN A 74 -10.95 22.67 12.05
CA ASN A 74 -10.75 22.65 13.49
C ASN A 74 -9.28 22.78 13.92
N CYS A 75 -8.32 22.84 13.00
CA CYS A 75 -6.92 23.01 13.37
C CYS A 75 -6.46 24.47 13.28
N ILE A 76 -7.36 25.41 13.50
CA ILE A 76 -7.05 26.81 13.31
C ILE A 76 -7.52 27.65 14.48
N TRP A 88 -3.56 35.46 6.71
CA TRP A 88 -2.68 35.26 5.58
C TRP A 88 -1.43 34.50 5.99
N THR A 89 -0.85 34.91 7.12
CA THR A 89 0.17 34.08 7.77
C THR A 89 -0.43 32.75 8.21
N VAL A 90 -1.70 32.76 8.61
CA VAL A 90 -2.36 31.51 8.96
C VAL A 90 -2.55 30.65 7.72
N PHE A 91 -2.71 31.27 6.56
CA PHE A 91 -2.88 30.53 5.31
C PHE A 91 -1.67 29.66 5.02
N ARG A 92 -0.48 30.27 5.03
CA ARG A 92 0.79 29.55 4.90
C ARG A 92 0.83 28.34 5.81
N HIS A 93 0.65 28.56 7.11
CA HIS A 93 0.78 27.46 8.06
C HIS A 93 -0.29 26.41 7.83
N THR A 94 -1.46 26.82 7.34
CA THR A 94 -2.50 25.86 7.05
C THR A 94 -2.11 24.99 5.86
N LEU A 95 -1.43 25.58 4.86
CA LEU A 95 -0.95 24.80 3.74
C LEU A 95 0.13 23.82 4.18
N LEU A 96 1.07 24.28 5.00
CA LEU A 96 2.12 23.42 5.51
C LEU A 96 1.55 22.22 6.26
N HIS A 97 0.67 22.49 7.23
CA HIS A 97 0.13 21.38 8.01
C HIS A 97 -0.74 20.44 7.19
N PHE A 98 -1.33 20.92 6.09
CA PHE A 98 -2.08 20.02 5.22
C PHE A 98 -1.16 18.93 4.65
N PHE A 99 0.06 19.30 4.28
CA PHE A 99 0.94 18.33 3.65
C PHE A 99 1.60 17.42 4.67
N GLU A 100 1.94 17.93 5.85
CA GLU A 100 2.35 17.07 6.95
C GLU A 100 1.28 16.01 7.24
N ARG A 101 0.03 16.46 7.40
CA ARG A 101 -1.08 15.56 7.65
C ARG A 101 -1.16 14.43 6.63
N LEU A 102 -0.87 14.72 5.36
CA LEU A 102 -0.89 13.68 4.34
C LEU A 102 0.07 12.54 4.65
N GLN A 103 1.12 12.80 5.42
CA GLN A 103 2.11 11.78 5.75
C GLN A 103 1.83 11.10 7.08
N SER A 104 1.32 11.85 8.05
CA SER A 104 1.21 11.39 9.43
C SER A 104 -0.19 10.93 9.78
N ASN A 105 -1.19 11.39 9.04
CA ASN A 105 -2.58 11.05 9.29
C ASN A 105 -3.03 10.00 8.27
N ASP A 106 -3.42 8.84 8.76
CA ASP A 106 -3.78 7.74 7.87
C ASP A 106 -5.07 8.01 7.10
N ILE A 107 -6.02 8.74 7.69
CA ILE A 107 -7.28 9.00 7.00
C ILE A 107 -7.08 10.03 5.90
N HIS A 108 -6.35 11.11 6.19
CA HIS A 108 -6.05 12.09 5.15
C HIS A 108 -5.21 11.50 4.03
N TYR A 109 -4.26 10.63 4.37
CA TYR A 109 -3.51 9.95 3.32
C TYR A 109 -4.45 9.20 2.39
N LYS A 110 -5.26 8.31 2.94
CA LYS A 110 -6.07 7.43 2.11
C LYS A 110 -7.13 8.20 1.33
N PHE A 111 -7.76 9.19 1.98
CA PHE A 111 -8.82 9.92 1.30
C PHE A 111 -8.31 10.66 0.06
N HIS A 112 -7.17 11.33 0.19
CA HIS A 112 -6.64 12.06 -0.95
C HIS A 112 -6.05 11.10 -1.98
N ASN A 113 -5.47 9.99 -1.53
CA ASN A 113 -5.12 8.92 -2.46
C ASN A 113 -6.33 8.50 -3.29
N ILE A 114 -7.46 8.26 -2.61
CA ILE A 114 -8.68 7.85 -3.30
C ILE A 114 -9.15 8.94 -4.25
N LEU A 115 -9.17 10.20 -3.76
CA LEU A 115 -9.64 11.30 -4.59
C LEU A 115 -8.82 11.43 -5.86
N PHE A 116 -7.50 11.32 -5.74
CA PHE A 116 -6.66 11.59 -6.89
C PHE A 116 -6.41 10.38 -7.78
N LEU A 117 -6.43 9.16 -7.23
CA LEU A 117 -6.00 7.99 -7.97
C LEU A 117 -7.06 6.90 -8.12
N LYS A 118 -8.13 6.90 -7.31
CA LYS A 118 -9.08 5.80 -7.34
C LYS A 118 -10.50 6.30 -7.47
N CYS A 119 -10.71 7.25 -8.36
CA CYS A 119 -11.98 7.90 -8.54
C CYS A 119 -12.15 8.27 -10.01
N GLU A 120 -12.20 7.25 -10.87
CA GLU A 120 -12.36 7.42 -12.31
C GLU A 120 -13.58 8.28 -12.63
N HIS A 121 -13.44 9.17 -13.61
CA HIS A 121 -14.53 10.03 -14.08
C HIS A 121 -15.35 9.35 -15.16
N THR A 122 -15.80 8.13 -14.89
CA THR A 122 -16.73 7.42 -15.74
C THR A 122 -18.16 7.84 -15.43
N GLU A 123 -19.09 7.38 -16.27
CA GLU A 123 -20.51 7.68 -16.06
C GLU A 123 -21.02 7.02 -14.79
N GLN A 124 -20.48 5.85 -14.45
CA GLN A 124 -20.86 5.17 -13.22
C GLN A 124 -20.55 6.03 -11.99
N ASN A 125 -19.43 6.74 -12.01
CA ASN A 125 -18.97 7.52 -10.86
C ASN A 125 -19.55 8.94 -10.83
N ALA A 126 -20.52 9.24 -11.69
CA ALA A 126 -20.91 10.63 -11.90
C ALA A 126 -21.43 11.30 -10.62
N ALA A 127 -22.17 10.58 -9.77
CA ALA A 127 -22.69 11.21 -8.56
C ALA A 127 -21.56 11.54 -7.58
N VAL A 128 -20.61 10.62 -7.41
CA VAL A 128 -19.41 10.90 -6.63
C VAL A 128 -18.71 12.17 -7.12
N ILE A 129 -18.42 12.24 -8.42
CA ILE A 129 -17.69 13.39 -8.96
C ILE A 129 -18.41 14.69 -8.63
N ALA A 130 -19.75 14.67 -8.74
CA ALA A 130 -20.53 15.85 -8.39
C ALA A 130 -20.38 16.19 -6.92
N ILE A 131 -20.38 15.17 -6.05
CA ILE A 131 -20.10 15.41 -4.64
C ILE A 131 -18.74 16.06 -4.48
N ALA A 132 -17.71 15.49 -5.13
CA ALA A 132 -16.37 16.05 -4.98
C ALA A 132 -16.30 17.47 -5.53
N ARG A 133 -17.02 17.75 -6.61
CA ARG A 133 -17.00 19.12 -7.13
C ARG A 133 -17.66 20.08 -6.15
N LYS A 134 -18.67 19.62 -5.40
CA LYS A 134 -19.28 20.47 -4.38
C LYS A 134 -18.25 20.88 -3.33
N HIS A 135 -17.51 19.91 -2.78
CA HIS A 135 -16.48 20.24 -1.78
C HIS A 135 -15.35 21.07 -2.40
N GLN A 136 -15.00 20.79 -3.66
CA GLN A 136 -13.97 21.60 -4.29
C GLN A 136 -14.44 23.05 -4.45
N ALA A 137 -15.74 23.26 -4.69
CA ALA A 137 -16.27 24.61 -4.79
C ALA A 137 -16.09 25.38 -3.49
N ILE A 138 -16.43 24.76 -2.37
CA ILE A 138 -16.25 25.38 -1.06
C ILE A 138 -14.77 25.75 -0.85
N TRP A 139 -13.87 24.81 -1.17
CA TRP A 139 -12.44 25.10 -1.04
C TRP A 139 -12.04 26.33 -1.84
N ARG A 140 -12.72 26.58 -2.96
CA ARG A 140 -12.38 27.69 -3.83
C ARG A 140 -12.89 29.01 -3.27
N GLU A 141 -14.15 29.04 -2.85
CA GLU A 141 -14.68 30.23 -2.20
C GLU A 141 -13.86 30.60 -0.98
N LYS A 142 -13.34 29.61 -0.25
CA LYS A 142 -12.57 29.89 0.96
C LYS A 142 -11.21 30.50 0.60
N ILE A 143 -10.54 29.97 -0.45
CA ILE A 143 -9.31 30.59 -0.94
C ILE A 143 -9.58 32.00 -1.46
N THR A 144 -10.66 32.17 -2.23
CA THR A 144 -11.05 33.49 -2.70
C THR A 144 -11.21 34.47 -1.54
N ALA A 145 -11.78 34.01 -0.42
CA ALA A 145 -11.98 34.90 0.73
C ALA A 145 -10.66 35.29 1.37
N VAL A 146 -9.77 34.31 1.57
CA VAL A 146 -8.47 34.59 2.19
C VAL A 146 -7.71 35.64 1.38
N LEU A 147 -7.67 35.46 0.05
CA LEU A 147 -7.05 36.43 -0.82
C LEU A 147 -7.74 37.79 -0.70
N THR A 148 -9.08 37.77 -0.71
CA THR A 148 -9.83 39.03 -0.55
C THR A 148 -9.38 39.76 0.71
N GLU A 149 -9.25 39.05 1.83
CA GLU A 149 -8.82 39.69 3.07
C GLU A 149 -7.34 40.08 3.05
N ALA A 150 -6.49 39.26 2.39
CA ALA A 150 -5.06 39.57 2.37
C ALA A 150 -4.75 40.85 1.63
N VAL A 151 -5.50 41.15 0.56
CA VAL A 151 -5.27 42.39 -0.18
C VAL A 151 -5.50 43.62 0.69
N GLU A 152 -6.35 43.49 1.72
CA GLU A 152 -6.64 44.65 2.55
C GLU A 152 -5.57 44.92 3.59
N ASN A 153 -4.90 43.89 4.10
CA ASN A 153 -3.80 44.05 5.06
C ASN A 153 -2.49 44.49 4.42
N GLN A 154 -2.50 44.80 3.14
CA GLN A 154 -1.29 45.14 2.38
C GLN A 154 -0.32 43.96 2.31
N ASP A 155 -0.83 42.75 2.53
CA ASP A 155 -0.05 41.54 2.30
C ASP A 155 0.10 41.24 0.82
N LEU A 156 -0.95 41.51 0.04
CA LEU A 156 -0.93 41.36 -1.40
C LEU A 156 -1.31 42.68 -2.07
N ALA A 157 -0.80 42.87 -3.29
CA ALA A 157 -1.03 44.10 -4.04
C ALA A 157 -2.50 44.27 -4.42
N ASP A 158 -2.92 45.53 -4.55
CA ASP A 158 -4.32 45.84 -4.84
C ASP A 158 -4.73 45.45 -6.26
N ASP A 159 -3.79 45.32 -7.19
CA ASP A 159 -4.14 44.88 -8.54
C ASP A 159 -3.87 43.40 -8.76
N LEU A 160 -3.82 42.62 -7.68
CA LEU A 160 -3.75 41.16 -7.78
C LEU A 160 -4.93 40.62 -8.57
N ASP A 161 -4.64 39.80 -9.57
CA ASP A 161 -5.69 39.10 -10.31
C ASP A 161 -6.15 37.92 -9.45
N LYS A 162 -7.24 38.13 -8.71
CA LYS A 162 -7.68 37.10 -7.77
C LYS A 162 -8.21 35.86 -8.50
N GLU A 163 -8.89 36.04 -9.64
CA GLU A 163 -9.39 34.91 -10.41
C GLU A 163 -8.26 34.01 -10.88
N THR A 164 -7.19 34.62 -11.41
CA THR A 164 -6.01 33.85 -11.79
C THR A 164 -5.31 33.29 -10.56
N ALA A 165 -5.28 34.08 -9.47
CA ALA A 165 -4.53 33.66 -8.29
C ALA A 165 -5.11 32.38 -7.69
N VAL A 166 -6.44 32.21 -7.78
CA VAL A 166 -7.06 31.02 -7.18
C VAL A 166 -6.86 29.79 -8.06
N ILE A 167 -6.94 29.96 -9.38
CA ILE A 167 -6.52 28.87 -10.26
C ILE A 167 -5.06 28.51 -10.01
N PHE A 168 -4.22 29.53 -9.81
CA PHE A 168 -2.79 29.32 -9.53
C PHE A 168 -2.58 28.50 -8.27
N ILE A 169 -3.22 28.89 -7.16
CA ILE A 169 -3.02 28.19 -5.88
C ILE A 169 -3.48 26.74 -5.98
N LYS A 170 -4.68 26.51 -6.51
CA LYS A 170 -5.17 25.14 -6.60
C LYS A 170 -4.34 24.31 -7.54
N SER A 171 -3.95 24.89 -8.69
CA SER A 171 -3.11 24.15 -9.64
C SER A 171 -1.76 23.80 -9.02
N THR A 172 -1.18 24.71 -8.26
CA THR A 172 0.06 24.41 -7.53
C THR A 172 -0.13 23.25 -6.57
N LEU A 173 -1.14 23.33 -5.71
CA LEU A 173 -1.36 22.27 -4.71
C LEU A 173 -1.79 20.97 -5.35
N ASP A 174 -2.71 21.02 -6.32
CA ASP A 174 -3.09 19.80 -7.04
C ASP A 174 -1.87 19.10 -7.63
N GLY A 175 -0.95 19.88 -8.21
CA GLY A 175 0.19 19.29 -8.89
C GLY A 175 1.10 18.52 -7.94
N LEU A 176 1.37 19.09 -6.77
CA LEU A 176 2.19 18.37 -5.80
C LEU A 176 1.51 17.08 -5.36
N ILE A 177 0.22 17.17 -5.02
CA ILE A 177 -0.52 16.00 -4.56
C ILE A 177 -0.53 14.91 -5.63
N TRP A 178 -0.87 15.30 -6.86
CA TRP A 178 -0.89 14.32 -7.95
C TRP A 178 0.49 13.72 -8.19
N ARG A 179 1.51 14.57 -8.19
CA ARG A 179 2.86 14.11 -8.47
C ARG A 179 3.35 13.17 -7.37
N TRP A 180 3.02 13.48 -6.12
CA TRP A 180 3.40 12.62 -5.00
C TRP A 180 2.70 11.27 -5.07
N PHE A 181 1.36 11.26 -5.20
CA PHE A 181 0.66 9.98 -5.20
C PHE A 181 0.96 9.16 -6.45
N SER A 182 1.01 9.82 -7.63
CA SER A 182 1.16 9.06 -8.87
C SER A 182 2.57 8.52 -9.06
N SER A 183 3.58 9.18 -8.52
CA SER A 183 4.92 8.63 -8.49
C SER A 183 5.09 7.59 -7.38
N GLY A 184 4.01 7.16 -6.74
CA GLY A 184 4.10 6.27 -5.59
C GLY A 184 4.96 6.80 -4.46
N GLU A 185 4.79 8.07 -4.10
CA GLU A 185 5.53 8.70 -3.00
C GLU A 185 7.04 8.54 -3.16
N SER A 186 7.53 8.75 -4.38
CA SER A 186 8.93 8.49 -4.70
C SER A 186 9.86 9.61 -4.27
N PHE A 187 9.34 10.67 -3.67
CA PHE A 187 10.18 11.74 -3.13
C PHE A 187 9.68 12.10 -1.74
N ASP A 188 10.45 12.94 -1.06
CA ASP A 188 10.22 13.27 0.34
C ASP A 188 9.30 14.49 0.42
N LEU A 189 8.01 14.23 0.68
CA LEU A 189 7.00 15.28 0.74
C LEU A 189 7.27 16.28 1.86
N GLY A 190 7.84 15.82 2.98
CA GLY A 190 8.13 16.73 4.06
C GLY A 190 9.17 17.76 3.70
N LYS A 191 10.07 17.44 2.78
CA LYS A 191 11.08 18.40 2.34
C LYS A 191 10.64 19.18 1.11
N THR A 192 9.81 18.56 0.25
CA THR A 192 9.40 19.20 -0.99
C THR A 192 8.25 20.19 -0.78
N ALA A 193 7.22 19.78 -0.04
CA ALA A 193 6.06 20.65 0.13
C ALA A 193 6.40 22.06 0.63
N PRO A 194 7.22 22.25 1.67
CA PRO A 194 7.50 23.63 2.12
C PRO A 194 8.13 24.50 1.05
N ARG A 195 9.00 23.93 0.21
CA ARG A 195 9.68 24.71 -0.81
C ARG A 195 8.71 25.14 -1.91
N ILE A 196 7.90 24.20 -2.40
CA ILE A 196 6.83 24.52 -3.35
C ILE A 196 5.90 25.59 -2.79
N ILE A 197 5.49 25.45 -1.52
CA ILE A 197 4.55 26.42 -0.92
C ILE A 197 5.20 27.79 -0.81
N GLY A 198 6.43 27.84 -0.30
CA GLY A 198 7.11 29.12 -0.16
C GLY A 198 7.25 29.84 -1.49
N ILE A 199 7.66 29.11 -2.54
CA ILE A 199 7.79 29.71 -3.88
C ILE A 199 6.44 30.25 -4.37
N MET A 200 5.39 29.43 -4.26
CA MET A 200 4.02 29.89 -4.53
C MET A 200 3.68 31.17 -3.78
N MET A 201 3.96 31.20 -2.47
CA MET A 201 3.70 32.39 -1.67
C MET A 201 4.44 33.58 -2.23
N ASP A 202 5.71 33.40 -2.61
CA ASP A 202 6.49 34.48 -3.19
C ASP A 202 5.84 34.99 -4.46
N ASN A 203 5.46 34.09 -5.36
CA ASN A 203 4.87 34.51 -6.62
C ASN A 203 3.57 35.27 -6.39
N LEU A 204 2.78 34.85 -5.39
CA LEU A 204 1.53 35.57 -5.12
C LEU A 204 1.79 37.00 -4.68
N GLU A 205 2.75 37.21 -3.78
CA GLU A 205 3.09 38.57 -3.35
C GLU A 205 3.71 39.38 -4.48
N ASN A 206 4.62 38.79 -5.27
CA ASN A 206 5.50 39.58 -6.13
C ASN A 206 5.32 39.36 -7.63
N HIS A 207 4.98 38.19 -8.09
CA HIS A 207 5.12 37.96 -9.52
C HIS A 207 4.14 38.83 -10.30
N PRO A 208 4.61 39.52 -11.35
CA PRO A 208 3.72 40.40 -12.12
C PRO A 208 2.66 39.65 -12.91
N CYS A 209 2.90 38.39 -13.29
CA CYS A 209 1.91 37.64 -14.06
C CYS A 209 0.61 37.46 -13.28
N LEU A 210 0.65 37.53 -11.96
CA LEU A 210 -0.54 37.41 -11.13
C LEU A 210 -1.21 38.77 -10.84
N ARG A 211 -0.93 39.79 -11.64
CA ARG A 211 -1.57 41.09 -11.50
C ARG A 211 -2.42 41.41 -12.73
N ARG A 212 -3.42 42.26 -12.52
CA ARG A 212 -4.39 42.57 -13.56
C ARG A 212 -3.80 43.42 -14.68
N LYS B 13 -2.40 0.64 -41.86
CA LYS B 13 -3.78 0.42 -42.29
C LYS B 13 -4.74 0.57 -41.11
N THR B 14 -5.34 -0.56 -40.72
CA THR B 14 -6.38 -0.61 -39.71
C THR B 14 -5.80 -0.77 -38.29
N LYS B 15 -4.49 -0.66 -38.11
CA LYS B 15 -3.95 -0.50 -36.78
C LYS B 15 -4.35 0.86 -36.21
N GLU B 16 -4.40 1.88 -37.07
CA GLU B 16 -4.89 3.19 -36.64
C GLU B 16 -6.35 3.09 -36.18
N HIS B 17 -7.16 2.37 -36.94
CA HIS B 17 -8.57 2.25 -36.56
C HIS B 17 -8.73 1.59 -35.20
N LEU B 18 -7.92 0.56 -34.92
CA LEU B 18 -7.91 -0.05 -33.59
C LEU B 18 -7.47 0.94 -32.52
N MET B 19 -6.52 1.81 -32.85
CA MET B 19 -6.02 2.80 -31.90
C MET B 19 -7.07 3.82 -31.57
N LEU B 20 -7.69 4.41 -32.59
CA LEU B 20 -8.79 5.35 -32.35
C LEU B 20 -9.92 4.67 -31.58
N ALA B 21 -10.18 3.40 -31.89
CA ALA B 21 -11.22 2.65 -31.19
C ALA B 21 -10.87 2.49 -29.72
N ALA B 22 -9.62 2.11 -29.42
CA ALA B 22 -9.20 2.01 -28.03
C ALA B 22 -9.29 3.35 -27.32
N LEU B 23 -8.86 4.44 -27.99
CA LEU B 23 -8.95 5.76 -27.39
C LEU B 23 -10.38 6.12 -27.05
N GLU B 24 -11.30 5.96 -28.00
CA GLU B 24 -12.70 6.31 -27.78
C GLU B 24 -13.32 5.49 -26.66
N THR B 25 -12.99 4.21 -26.58
CA THR B 25 -13.56 3.37 -25.53
C THR B 25 -12.96 3.70 -24.17
N PHE B 26 -11.63 3.80 -24.08
CA PHE B 26 -11.00 4.22 -22.83
C PHE B 26 -11.62 5.52 -22.34
N TYR B 27 -11.86 6.45 -23.26
CA TYR B 27 -12.51 7.72 -22.91
C TYR B 27 -13.91 7.50 -22.38
N ARG B 28 -14.64 6.53 -22.95
CA ARG B 28 -16.01 6.26 -22.52
C ARG B 28 -16.04 5.64 -21.11
N LYS B 29 -15.41 4.48 -20.94
CA LYS B 29 -15.60 3.66 -19.74
C LYS B 29 -14.39 3.61 -18.82
N GLY B 30 -13.31 4.32 -19.14
CA GLY B 30 -12.07 4.15 -18.41
C GLY B 30 -11.34 2.92 -18.92
N ILE B 31 -10.10 2.77 -18.42
CA ILE B 31 -9.26 1.69 -18.93
C ILE B 31 -9.68 0.35 -18.33
N ALA B 32 -9.85 0.30 -17.01
CA ALA B 32 -10.12 -0.97 -16.32
C ALA B 32 -11.37 -1.65 -16.86
N ARG B 33 -12.44 -0.88 -17.06
CA ARG B 33 -13.71 -1.48 -17.49
C ARG B 33 -13.74 -1.82 -18.98
N THR B 34 -12.73 -1.44 -19.76
CA THR B 34 -12.71 -1.69 -21.21
C THR B 34 -12.09 -3.06 -21.50
N SER B 35 -12.64 -3.75 -22.49
CA SER B 35 -12.14 -5.09 -22.84
C SER B 35 -11.54 -5.12 -24.25
N LEU B 36 -10.60 -6.05 -24.43
CA LEU B 36 -10.00 -6.28 -25.73
C LEU B 36 -11.05 -6.50 -26.81
N ASN B 37 -12.10 -7.27 -26.48
CA ASN B 37 -13.11 -7.60 -27.48
C ASN B 37 -13.95 -6.38 -27.88
N GLU B 38 -14.34 -5.55 -26.92
CA GLU B 38 -15.18 -4.40 -27.27
C GLU B 38 -14.41 -3.34 -28.07
N ILE B 39 -13.10 -3.22 -27.86
CA ILE B 39 -12.31 -2.35 -28.74
C ILE B 39 -12.46 -2.81 -30.18
N ALA B 40 -12.19 -4.09 -30.44
CA ALA B 40 -12.26 -4.62 -31.79
C ALA B 40 -13.65 -4.50 -32.37
N GLN B 41 -14.70 -4.61 -31.53
CA GLN B 41 -16.06 -4.40 -32.01
C GLN B 41 -16.29 -2.97 -32.46
N ALA B 42 -15.71 -2.01 -31.74
CA ALA B 42 -15.82 -0.61 -32.14
C ALA B 42 -14.92 -0.28 -33.33
N ALA B 43 -13.88 -1.07 -33.58
CA ALA B 43 -13.01 -0.81 -34.72
C ALA B 43 -13.44 -1.51 -36.00
N GLY B 44 -14.45 -2.38 -35.95
CA GLY B 44 -14.87 -3.09 -37.15
C GLY B 44 -13.83 -4.10 -37.62
N VAL B 45 -13.31 -4.88 -36.68
CA VAL B 45 -12.13 -5.73 -36.87
C VAL B 45 -12.32 -7.01 -36.06
N THR B 46 -11.94 -8.15 -36.64
CA THR B 46 -12.06 -9.42 -35.94
C THR B 46 -11.12 -9.45 -34.73
N ARG B 47 -11.45 -10.31 -33.77
CA ARG B 47 -10.58 -10.52 -32.61
C ARG B 47 -9.17 -10.91 -33.04
N GLY B 48 -9.06 -11.83 -34.00
CA GLY B 48 -7.76 -12.29 -34.46
C GLY B 48 -6.97 -11.23 -35.21
N ALA B 49 -7.64 -10.36 -35.95
CA ALA B 49 -6.95 -9.18 -36.48
C ALA B 49 -6.41 -8.30 -35.38
N LEU B 50 -7.08 -8.25 -34.21
CA LEU B 50 -6.56 -7.42 -33.13
C LEU B 50 -5.30 -8.04 -32.55
N TYR B 51 -5.34 -9.33 -32.25
CA TYR B 51 -4.13 -10.00 -31.76
C TYR B 51 -3.03 -9.99 -32.82
N TRP B 52 -3.38 -9.77 -34.09
CA TRP B 52 -2.39 -9.60 -35.15
C TRP B 52 -1.64 -8.29 -35.02
N HIS B 53 -2.27 -7.27 -34.44
CA HIS B 53 -1.61 -6.00 -34.18
C HIS B 53 -1.21 -5.82 -32.72
N PHE B 54 -1.95 -6.43 -31.78
CA PHE B 54 -1.90 -6.03 -30.37
C PHE B 54 -2.09 -7.26 -29.49
N LYS B 55 -1.02 -7.66 -28.80
CA LYS B 55 -1.07 -8.87 -27.98
C LYS B 55 -2.10 -8.77 -26.86
N ASN B 56 -2.39 -7.55 -26.38
CA ASN B 56 -3.31 -7.35 -25.26
C ASN B 56 -3.60 -5.85 -25.11
N LYS B 57 -4.22 -5.50 -23.99
CA LYS B 57 -4.75 -4.15 -23.80
C LYS B 57 -3.65 -3.13 -23.54
N GLU B 58 -2.72 -3.45 -22.65
CA GLU B 58 -1.69 -2.48 -22.30
C GLU B 58 -0.76 -2.17 -23.47
N ASP B 59 -0.73 -3.02 -24.50
CA ASP B 59 0.01 -2.69 -25.71
C ASP B 59 -0.72 -1.68 -26.58
N LEU B 60 -2.05 -1.79 -26.67
CA LEU B 60 -2.84 -0.72 -27.25
C LEU B 60 -2.55 0.60 -26.56
N PHE B 61 -2.60 0.62 -25.23
CA PHE B 61 -2.36 1.83 -24.46
C PHE B 61 -0.95 2.35 -24.66
N ASP B 62 0.05 1.46 -24.63
CA ASP B 62 1.42 1.85 -24.91
C ASP B 62 1.55 2.44 -26.31
N ALA B 63 0.80 1.91 -27.27
CA ALA B 63 0.87 2.50 -28.60
C ALA B 63 0.19 3.86 -28.65
N LEU B 64 -0.81 4.08 -27.78
CA LEU B 64 -1.42 5.40 -27.68
C LEU B 64 -0.44 6.41 -27.07
N PHE B 65 0.20 6.04 -25.95
CA PHE B 65 1.18 6.91 -25.37
C PHE B 65 2.27 7.24 -26.38
N GLN B 66 2.75 6.23 -27.12
CA GLN B 66 3.81 6.45 -28.10
C GLN B 66 3.38 7.47 -29.14
N ARG B 67 2.15 7.34 -29.67
CA ARG B 67 1.66 8.29 -30.66
C ARG B 67 1.63 9.72 -30.12
N ILE B 68 1.11 9.91 -28.90
CA ILE B 68 1.16 11.23 -28.27
C ILE B 68 2.59 11.74 -28.25
N CYS B 69 3.52 10.90 -27.80
CA CYS B 69 4.89 11.35 -27.69
C CYS B 69 5.46 11.68 -29.07
N ASP B 70 5.24 10.80 -30.07
CA ASP B 70 5.72 11.10 -31.43
C ASP B 70 5.21 12.45 -31.91
N ASP B 71 3.90 12.73 -31.71
CA ASP B 71 3.31 13.98 -32.16
C ASP B 71 4.05 15.18 -31.57
N ILE B 72 4.41 15.07 -30.29
CA ILE B 72 5.06 16.18 -29.60
C ILE B 72 6.49 16.32 -30.09
N GLU B 73 7.23 15.22 -30.11
CA GLU B 73 8.62 15.26 -30.56
C GLU B 73 8.73 15.71 -32.02
N ASN B 74 7.75 15.36 -32.87
CA ASN B 74 7.82 15.72 -34.27
C ASN B 74 7.69 17.23 -34.51
N CYS B 75 7.08 17.96 -33.58
CA CYS B 75 6.92 19.40 -33.68
C CYS B 75 8.17 20.17 -33.28
N ILE B 76 9.14 19.50 -32.64
CA ILE B 76 10.21 20.22 -31.96
C ILE B 76 11.17 20.86 -32.96
N ALA B 77 11.45 20.18 -34.07
CA ALA B 77 12.23 20.82 -35.12
C ALA B 77 11.53 22.07 -35.61
N GLN B 78 10.19 22.02 -35.70
CA GLN B 78 9.41 23.19 -36.08
C GLN B 78 9.30 24.22 -34.96
N ASP B 79 9.35 23.79 -33.70
CA ASP B 79 9.39 24.74 -32.59
C ASP B 79 10.73 25.47 -32.52
N ALA B 80 11.68 25.12 -33.37
CA ALA B 80 13.05 25.62 -33.34
C ALA B 80 13.49 26.26 -34.65
N GLY B 85 15.47 31.40 -31.20
CA GLY B 85 16.69 30.61 -31.19
C GLY B 85 17.24 30.28 -29.80
N GLY B 86 17.74 29.05 -29.65
CA GLY B 86 18.25 28.39 -28.46
C GLY B 86 17.26 27.37 -27.90
N SER B 87 17.78 26.41 -27.13
CA SER B 87 16.97 25.27 -26.73
C SER B 87 16.10 25.57 -25.50
N TRP B 88 16.59 26.38 -24.56
CA TRP B 88 15.75 26.85 -23.47
C TRP B 88 14.53 27.61 -24.01
N THR B 89 14.73 28.37 -25.09
CA THR B 89 13.62 28.90 -25.88
C THR B 89 12.76 27.80 -26.48
N VAL B 90 13.37 26.75 -27.06
CA VAL B 90 12.58 25.67 -27.66
C VAL B 90 11.70 25.00 -26.60
N PHE B 91 12.27 24.71 -25.42
CA PHE B 91 11.48 24.18 -24.31
C PHE B 91 10.24 25.02 -24.06
N ARG B 92 10.42 26.33 -23.90
CA ARG B 92 9.30 27.23 -23.67
C ARG B 92 8.24 27.10 -24.75
N HIS B 93 8.68 26.96 -26.00
CA HIS B 93 7.73 26.82 -27.10
C HIS B 93 7.03 25.47 -27.04
N THR B 94 7.77 24.43 -26.67
CA THR B 94 7.17 23.10 -26.61
C THR B 94 6.12 23.03 -25.52
N LEU B 95 6.41 23.63 -24.36
CA LEU B 95 5.41 23.73 -23.30
C LEU B 95 4.17 24.48 -23.76
N LEU B 96 4.35 25.67 -24.35
CA LEU B 96 3.19 26.42 -24.82
C LEU B 96 2.40 25.63 -25.85
N HIS B 97 3.11 25.01 -26.80
CA HIS B 97 2.44 24.24 -27.85
C HIS B 97 1.67 23.06 -27.24
N PHE B 98 2.24 22.40 -26.22
CA PHE B 98 1.56 21.29 -25.56
C PHE B 98 0.13 21.66 -25.14
N PHE B 99 -0.01 22.75 -24.36
CA PHE B 99 -1.33 23.14 -23.87
C PHE B 99 -2.23 23.64 -24.97
N GLU B 100 -1.67 24.28 -26.00
CA GLU B 100 -2.43 24.62 -27.20
C GLU B 100 -3.04 23.37 -27.82
N ARG B 101 -2.21 22.36 -28.05
CA ARG B 101 -2.65 21.10 -28.64
C ARG B 101 -3.69 20.41 -27.78
N LEU B 102 -3.49 20.45 -26.45
CA LEU B 102 -4.46 19.89 -25.51
C LEU B 102 -5.85 20.45 -25.81
N GLN B 103 -5.92 21.70 -26.22
CA GLN B 103 -7.20 22.37 -26.48
C GLN B 103 -7.75 22.05 -27.86
N SER B 104 -6.88 21.85 -28.85
CA SER B 104 -7.28 21.82 -30.24
C SER B 104 -7.15 20.45 -30.91
N ASN B 105 -6.45 19.51 -30.31
CA ASN B 105 -6.23 18.19 -30.92
C ASN B 105 -6.99 17.16 -30.09
N ASP B 106 -8.05 16.62 -30.69
CA ASP B 106 -8.95 15.74 -29.97
C ASP B 106 -8.23 14.53 -29.37
N ILE B 107 -7.28 13.95 -30.12
CA ILE B 107 -6.56 12.78 -29.65
C ILE B 107 -5.75 13.12 -28.40
N HIS B 108 -5.11 14.27 -28.40
CA HIS B 108 -4.31 14.67 -27.25
C HIS B 108 -5.20 15.05 -26.05
N TYR B 109 -6.34 15.68 -26.30
CA TYR B 109 -7.30 15.94 -25.23
C TYR B 109 -7.79 14.63 -24.60
N LYS B 110 -8.32 13.73 -25.42
CA LYS B 110 -8.86 12.48 -24.90
C LYS B 110 -7.78 11.66 -24.19
N PHE B 111 -6.58 11.63 -24.75
CA PHE B 111 -5.56 10.79 -24.14
C PHE B 111 -5.17 11.30 -22.76
N HIS B 112 -4.94 12.62 -22.62
CA HIS B 112 -4.52 13.11 -21.30
C HIS B 112 -5.69 13.12 -20.32
N ASN B 113 -6.90 13.32 -20.81
CA ASN B 113 -8.10 13.08 -20.02
C ASN B 113 -8.13 11.66 -19.45
N ILE B 114 -7.94 10.66 -20.32
CA ILE B 114 -7.87 9.27 -19.86
C ILE B 114 -6.76 9.10 -18.85
N LEU B 115 -5.56 9.60 -19.18
CA LEU B 115 -4.39 9.41 -18.31
C LEU B 115 -4.60 9.99 -16.93
N PHE B 116 -5.25 11.16 -16.82
CA PHE B 116 -5.39 11.81 -15.52
C PHE B 116 -6.67 11.43 -14.79
N LEU B 117 -7.73 11.08 -15.52
CA LEU B 117 -9.06 10.95 -14.94
C LEU B 117 -9.74 9.62 -15.16
N LYS B 118 -9.20 8.73 -16.00
CA LYS B 118 -9.93 7.50 -16.31
C LYS B 118 -9.00 6.32 -16.31
N CYS B 119 -8.04 6.33 -15.39
CA CYS B 119 -7.04 5.28 -15.28
C CYS B 119 -6.77 5.05 -13.78
N GLU B 120 -7.73 4.43 -13.11
CA GLU B 120 -7.63 4.14 -11.67
C GLU B 120 -6.37 3.33 -11.35
N HIS B 121 -5.74 3.68 -10.22
CA HIS B 121 -4.56 2.95 -9.73
C HIS B 121 -4.97 1.77 -8.86
N THR B 122 -5.70 0.83 -9.48
CA THR B 122 -6.08 -0.42 -8.85
C THR B 122 -5.16 -1.55 -9.31
N GLU B 123 -5.33 -2.73 -8.70
CA GLU B 123 -4.58 -3.88 -9.16
C GLU B 123 -5.03 -4.30 -10.55
N GLN B 124 -6.31 -4.14 -10.86
CA GLN B 124 -6.81 -4.49 -12.18
C GLN B 124 -6.09 -3.72 -13.29
N ASN B 125 -5.56 -2.53 -12.98
CA ASN B 125 -4.93 -1.67 -13.98
C ASN B 125 -3.40 -1.71 -13.91
N ALA B 126 -2.82 -2.66 -13.20
CA ALA B 126 -1.40 -2.55 -12.86
C ALA B 126 -0.51 -2.52 -14.09
N ALA B 127 -0.81 -3.34 -15.10
CA ALA B 127 0.05 -3.40 -16.28
C ALA B 127 0.04 -2.08 -17.03
N VAL B 128 -1.13 -1.46 -17.18
CA VAL B 128 -1.26 -0.17 -17.85
C VAL B 128 -0.48 0.91 -17.10
N ILE B 129 -0.54 0.89 -15.76
CA ILE B 129 0.15 1.90 -14.96
C ILE B 129 1.66 1.76 -15.12
N ALA B 130 2.16 0.52 -15.16
CA ALA B 130 3.57 0.29 -15.41
C ALA B 130 3.99 0.87 -16.75
N ILE B 131 3.14 0.75 -17.76
CA ILE B 131 3.41 1.37 -19.06
C ILE B 131 3.49 2.88 -18.93
N ALA B 132 2.49 3.48 -18.27
CA ALA B 132 2.46 4.93 -18.07
C ALA B 132 3.72 5.40 -17.36
N ARG B 133 4.09 4.71 -16.28
CA ARG B 133 5.32 5.07 -15.59
C ARG B 133 6.56 4.95 -16.48
N LYS B 134 6.55 4.07 -17.49
CA LYS B 134 7.70 4.02 -18.41
C LYS B 134 7.80 5.29 -19.26
N HIS B 135 6.69 5.75 -19.84
CA HIS B 135 6.78 6.96 -20.64
C HIS B 135 7.11 8.20 -19.79
N GLN B 136 6.83 8.16 -18.49
CA GLN B 136 7.09 9.31 -17.63
C GLN B 136 8.56 9.41 -17.25
N ALA B 137 9.20 8.27 -17.02
CA ALA B 137 10.64 8.26 -16.79
C ALA B 137 11.40 8.76 -18.00
N ILE B 138 10.87 8.51 -19.20
CA ILE B 138 11.47 9.09 -20.39
C ILE B 138 11.29 10.60 -20.39
N TRP B 139 10.08 11.06 -20.06
CA TRP B 139 9.85 12.50 -19.94
C TRP B 139 10.70 13.09 -18.84
N ARG B 140 10.87 12.37 -17.75
CA ARG B 140 11.79 12.82 -16.70
C ARG B 140 13.17 13.06 -17.27
N GLU B 141 13.72 12.05 -17.98
CA GLU B 141 15.06 12.19 -18.51
C GLU B 141 15.15 13.30 -19.54
N LYS B 142 14.11 13.49 -20.35
CA LYS B 142 14.15 14.59 -21.31
C LYS B 142 14.23 15.94 -20.61
N ILE B 143 13.48 16.11 -19.51
CA ILE B 143 13.59 17.35 -18.74
C ILE B 143 15.00 17.49 -18.21
N THR B 144 15.50 16.43 -17.57
CA THR B 144 16.84 16.52 -16.96
C THR B 144 17.87 16.91 -17.99
N ALA B 145 17.69 16.50 -19.25
CA ALA B 145 18.64 16.92 -20.29
C ALA B 145 18.40 18.35 -20.72
N VAL B 146 17.13 18.77 -20.83
CA VAL B 146 16.85 20.17 -21.14
C VAL B 146 17.52 21.07 -20.10
N LEU B 147 17.27 20.81 -18.81
CA LEU B 147 17.92 21.57 -17.75
C LEU B 147 19.45 21.57 -17.94
N THR B 148 20.03 20.39 -18.18
CA THR B 148 21.48 20.28 -18.31
C THR B 148 22.03 21.14 -19.43
N GLU B 149 21.38 21.12 -20.61
CA GLU B 149 21.78 22.02 -21.68
C GLU B 149 21.64 23.48 -21.30
N ALA B 150 20.65 23.81 -20.46
CA ALA B 150 20.42 25.22 -20.12
C ALA B 150 21.44 25.72 -19.11
N VAL B 151 22.00 24.84 -18.28
CA VAL B 151 23.07 25.28 -17.39
C VAL B 151 24.35 25.57 -18.18
N GLU B 152 24.70 24.69 -19.12
CA GLU B 152 25.89 24.92 -19.93
C GLU B 152 25.72 26.13 -20.83
N ASN B 153 24.54 26.32 -21.40
CA ASN B 153 24.21 27.49 -22.20
C ASN B 153 24.10 28.77 -21.37
N GLN B 154 24.24 28.66 -20.04
CA GLN B 154 24.12 29.77 -19.09
C GLN B 154 22.70 30.34 -19.00
N ASP B 155 21.69 29.63 -19.51
CA ASP B 155 20.32 30.05 -19.30
C ASP B 155 19.84 29.77 -17.88
N LEU B 156 20.44 28.79 -17.21
CA LEU B 156 20.16 28.48 -15.82
C LEU B 156 21.48 28.48 -15.05
N ALA B 157 21.39 28.65 -13.74
CA ALA B 157 22.56 28.84 -12.89
C ALA B 157 23.31 27.53 -12.66
N ASP B 158 24.63 27.64 -12.56
CA ASP B 158 25.47 26.47 -12.36
C ASP B 158 25.11 25.70 -11.09
N ASP B 159 24.52 26.37 -10.11
CA ASP B 159 24.15 25.71 -8.86
C ASP B 159 22.64 25.44 -8.78
N LEU B 160 21.95 25.45 -9.91
CA LEU B 160 20.59 24.93 -9.94
C LEU B 160 20.58 23.49 -9.47
N ASP B 161 19.56 23.15 -8.69
CA ASP B 161 19.36 21.81 -8.13
C ASP B 161 18.45 21.07 -9.11
N LYS B 162 19.08 20.33 -10.04
CA LYS B 162 18.36 19.67 -11.12
C LYS B 162 17.33 18.67 -10.60
N GLU B 163 17.66 17.97 -9.52
CA GLU B 163 16.73 16.99 -8.97
C GLU B 163 15.47 17.65 -8.45
N THR B 164 15.59 18.81 -7.81
CA THR B 164 14.41 19.55 -7.37
C THR B 164 13.67 20.14 -8.56
N ALA B 165 14.41 20.72 -9.50
CA ALA B 165 13.76 21.43 -10.59
C ALA B 165 12.88 20.48 -11.41
N VAL B 166 13.31 19.23 -11.57
CA VAL B 166 12.52 18.25 -12.32
C VAL B 166 11.19 18.00 -11.62
N ILE B 167 11.23 17.71 -10.33
CA ILE B 167 9.97 17.55 -9.60
C ILE B 167 9.12 18.82 -9.72
N PHE B 168 9.76 19.98 -9.62
CA PHE B 168 9.07 21.27 -9.72
C PHE B 168 8.32 21.40 -11.05
N ILE B 169 9.03 21.21 -12.16
CA ILE B 169 8.43 21.25 -13.51
C ILE B 169 7.29 20.25 -13.64
N LYS B 170 7.50 19.00 -13.23
CA LYS B 170 6.44 18.00 -13.42
C LYS B 170 5.23 18.32 -12.55
N SER B 171 5.47 18.72 -11.31
CA SER B 171 4.43 19.19 -10.40
C SER B 171 3.62 20.32 -11.01
N THR B 172 4.32 21.38 -11.45
CA THR B 172 3.63 22.52 -12.03
C THR B 172 2.74 22.09 -13.18
N LEU B 173 3.30 21.29 -14.11
CA LEU B 173 2.57 20.94 -15.32
C LEU B 173 1.43 19.98 -15.01
N ASP B 174 1.69 18.95 -14.18
CA ASP B 174 0.62 18.03 -13.77
C ASP B 174 -0.54 18.80 -13.14
N GLY B 175 -0.22 19.80 -12.29
CA GLY B 175 -1.27 20.55 -11.61
C GLY B 175 -2.19 21.26 -12.58
N LEU B 176 -1.62 21.95 -13.56
CA LEU B 176 -2.44 22.65 -14.54
C LEU B 176 -3.32 21.68 -15.30
N ILE B 177 -2.75 20.57 -15.78
CA ILE B 177 -3.55 19.59 -16.49
C ILE B 177 -4.66 19.06 -15.59
N TRP B 178 -4.31 18.65 -14.36
CA TRP B 178 -5.30 18.10 -13.46
C TRP B 178 -6.38 19.13 -13.15
N ARG B 179 -5.98 20.35 -12.86
CA ARG B 179 -6.95 21.41 -12.56
C ARG B 179 -7.94 21.60 -13.71
N TRP B 180 -7.42 21.72 -14.92
CA TRP B 180 -8.27 22.01 -16.07
C TRP B 180 -9.25 20.89 -16.35
N PHE B 181 -8.78 19.64 -16.40
CA PHE B 181 -9.72 18.52 -16.60
C PHE B 181 -10.71 18.42 -15.44
N SER B 182 -10.22 18.44 -14.20
CA SER B 182 -11.08 18.27 -13.02
C SER B 182 -12.18 19.32 -12.98
N SER B 183 -11.84 20.56 -13.33
CA SER B 183 -12.81 21.64 -13.30
C SER B 183 -13.81 21.60 -14.44
N GLY B 184 -13.77 20.58 -15.29
CA GLY B 184 -14.64 20.53 -16.46
C GLY B 184 -14.25 21.53 -17.53
N GLU B 185 -12.95 21.83 -17.66
CA GLU B 185 -12.44 22.86 -18.57
C GLU B 185 -13.13 24.20 -18.33
N SER B 186 -13.19 24.62 -17.08
CA SER B 186 -14.01 25.78 -16.76
C SER B 186 -13.25 27.10 -16.81
N PHE B 187 -11.93 27.08 -16.96
CA PHE B 187 -11.18 28.30 -17.23
C PHE B 187 -10.49 28.20 -18.59
N ASP B 188 -10.11 29.37 -19.13
CA ASP B 188 -9.49 29.46 -20.46
C ASP B 188 -8.05 29.01 -20.39
N LEU B 189 -7.78 27.78 -20.83
CA LEU B 189 -6.42 27.25 -20.83
C LEU B 189 -5.49 28.12 -21.69
N GLY B 190 -6.02 28.66 -22.80
CA GLY B 190 -5.23 29.53 -23.66
C GLY B 190 -4.73 30.78 -22.98
N LYS B 191 -5.43 31.25 -21.96
CA LYS B 191 -4.93 32.41 -21.21
C LYS B 191 -4.13 32.00 -19.98
N THR B 192 -4.45 30.84 -19.40
CA THR B 192 -3.82 30.45 -18.13
C THR B 192 -2.47 29.76 -18.33
N ALA B 193 -2.37 28.86 -19.30
CA ALA B 193 -1.10 28.15 -19.49
C ALA B 193 0.09 29.08 -19.63
N PRO B 194 0.07 30.11 -20.49
CA PRO B 194 1.26 30.98 -20.60
C PRO B 194 1.64 31.65 -19.29
N ARG B 195 0.65 32.03 -18.48
CA ARG B 195 0.94 32.59 -17.17
C ARG B 195 1.61 31.56 -16.27
N ILE B 196 0.97 30.40 -16.12
CA ILE B 196 1.57 29.33 -15.34
C ILE B 196 2.98 29.00 -15.84
N ILE B 197 3.15 28.85 -17.16
CA ILE B 197 4.49 28.54 -17.69
C ILE B 197 5.44 29.73 -17.47
N GLY B 198 4.99 30.94 -17.79
CA GLY B 198 5.80 32.11 -17.49
C GLY B 198 6.35 32.09 -16.07
N ILE B 199 5.46 31.92 -15.08
CA ILE B 199 5.90 31.95 -13.68
C ILE B 199 6.88 30.83 -13.37
N MET B 200 6.56 29.61 -13.82
CA MET B 200 7.45 28.45 -13.62
C MET B 200 8.84 28.70 -14.18
N MET B 201 8.91 29.23 -15.41
CA MET B 201 10.21 29.44 -16.02
C MET B 201 10.99 30.51 -15.25
N ASP B 202 10.32 31.62 -14.92
CA ASP B 202 10.92 32.65 -14.08
C ASP B 202 11.51 32.06 -12.81
N ASN B 203 10.74 31.21 -12.13
CA ASN B 203 11.22 30.61 -10.88
C ASN B 203 12.47 29.78 -11.12
N LEU B 204 12.44 28.91 -12.15
CA LEU B 204 13.60 28.10 -12.46
C LEU B 204 14.81 28.98 -12.73
N GLU B 205 14.61 30.08 -13.46
CA GLU B 205 15.70 31.01 -13.75
C GLU B 205 16.19 31.75 -12.51
N ASN B 206 15.29 32.18 -11.63
CA ASN B 206 15.68 33.19 -10.64
C ASN B 206 15.53 32.77 -9.19
N HIS B 207 14.61 31.85 -8.86
CA HIS B 207 14.23 31.71 -7.47
C HIS B 207 15.33 31.05 -6.65
N PRO B 208 15.72 31.63 -5.52
CA PRO B 208 16.80 31.05 -4.72
C PRO B 208 16.53 29.63 -4.23
N CYS B 209 15.26 29.28 -3.97
CA CYS B 209 14.95 28.02 -3.32
C CYS B 209 15.02 26.83 -4.27
N LEU B 210 15.23 27.09 -5.55
CA LEU B 210 15.50 26.04 -6.50
C LEU B 210 17.00 25.81 -6.68
N ARG B 211 17.85 26.64 -6.07
CA ARG B 211 19.30 26.41 -6.08
C ARG B 211 19.73 25.59 -4.87
N ARG B 212 20.93 25.03 -4.98
CA ARG B 212 21.49 24.15 -3.95
C ARG B 212 22.45 24.92 -3.05
N HIS C 17 -3.32 -9.89 39.64
CA HIS C 17 -3.63 -11.31 39.86
C HIS C 17 -4.70 -11.77 38.89
N LEU C 18 -5.61 -10.85 38.54
CA LEU C 18 -6.65 -11.17 37.57
C LEU C 18 -6.05 -11.35 36.17
N MET C 19 -5.13 -10.46 35.79
CA MET C 19 -4.49 -10.52 34.49
C MET C 19 -3.74 -11.83 34.29
N LEU C 20 -3.01 -12.27 35.31
CA LEU C 20 -2.18 -13.45 35.22
C LEU C 20 -3.01 -14.73 35.18
N ALA C 21 -4.20 -14.75 35.78
CA ALA C 21 -5.08 -15.91 35.63
C ALA C 21 -5.66 -15.99 34.23
N ALA C 22 -5.97 -14.84 33.63
CA ALA C 22 -6.41 -14.84 32.25
C ALA C 22 -5.29 -15.29 31.31
N LEU C 23 -4.06 -14.90 31.62
CA LEU C 23 -2.91 -15.35 30.85
C LEU C 23 -2.76 -16.86 30.92
N GLU C 24 -2.89 -17.44 32.11
CA GLU C 24 -2.80 -18.90 32.22
C GLU C 24 -3.91 -19.58 31.44
N THR C 25 -5.11 -19.00 31.44
CA THR C 25 -6.23 -19.68 30.81
C THR C 25 -6.24 -19.48 29.30
N PHE C 26 -5.85 -18.29 28.83
CA PHE C 26 -5.61 -18.09 27.40
C PHE C 26 -4.55 -19.06 26.89
N TYR C 27 -3.49 -19.27 27.68
CA TYR C 27 -2.38 -20.13 27.29
C TYR C 27 -2.79 -21.59 27.24
N ARG C 28 -3.67 -22.00 28.13
CA ARG C 28 -4.15 -23.38 28.19
C ARG C 28 -5.12 -23.69 27.06
N LYS C 29 -6.13 -22.85 26.85
CA LYS C 29 -7.24 -23.17 25.98
C LYS C 29 -7.37 -22.24 24.78
N GLY C 30 -6.55 -21.21 24.69
CA GLY C 30 -6.72 -20.21 23.67
C GLY C 30 -7.81 -19.24 24.07
N ILE C 31 -7.86 -18.15 23.31
CA ILE C 31 -8.71 -17.02 23.66
C ILE C 31 -10.17 -17.29 23.29
N ALA C 32 -10.42 -17.93 22.16
CA ALA C 32 -11.81 -18.16 21.76
C ALA C 32 -12.52 -19.06 22.76
N ARG C 33 -11.87 -20.14 23.19
CA ARG C 33 -12.50 -21.11 24.09
C ARG C 33 -12.63 -20.62 25.51
N THR C 34 -11.96 -19.54 25.88
CA THR C 34 -11.85 -19.15 27.29
C THR C 34 -13.02 -18.28 27.69
N SER C 35 -13.79 -18.73 28.68
CA SER C 35 -14.92 -17.95 29.20
C SER C 35 -14.51 -17.06 30.37
N LEU C 36 -15.24 -15.95 30.52
CA LEU C 36 -15.20 -15.18 31.76
C LEU C 36 -15.27 -16.09 32.98
N ASN C 37 -16.22 -17.04 32.98
CA ASN C 37 -16.34 -17.96 34.09
C ASN C 37 -15.01 -18.68 34.38
N GLU C 38 -14.32 -19.13 33.33
CA GLU C 38 -13.11 -19.92 33.54
C GLU C 38 -11.99 -19.08 34.15
N ILE C 39 -11.86 -17.83 33.69
CA ILE C 39 -10.87 -16.90 34.27
C ILE C 39 -11.14 -16.68 35.75
N ALA C 40 -12.35 -16.27 36.11
CA ALA C 40 -12.69 -16.03 37.52
C ALA C 40 -12.36 -17.25 38.37
N GLN C 41 -12.80 -18.43 37.93
CA GLN C 41 -12.45 -19.65 38.66
C GLN C 41 -10.94 -19.82 38.78
N ALA C 42 -10.20 -19.57 37.69
CA ALA C 42 -8.74 -19.68 37.75
C ALA C 42 -8.14 -18.64 38.69
N ALA C 43 -8.67 -17.41 38.67
CA ALA C 43 -8.27 -16.41 39.66
C ALA C 43 -8.80 -16.70 41.06
N GLY C 44 -9.65 -17.71 41.23
CA GLY C 44 -10.24 -17.96 42.54
C GLY C 44 -11.02 -16.80 43.10
N VAL C 45 -11.75 -16.08 42.24
CA VAL C 45 -12.66 -15.01 42.65
C VAL C 45 -14.00 -15.22 41.95
N THR C 46 -14.95 -14.36 42.30
CA THR C 46 -16.27 -14.39 41.71
C THR C 46 -16.27 -13.66 40.36
N ARG C 47 -17.26 -14.02 39.52
CA ARG C 47 -17.51 -13.24 38.32
C ARG C 47 -17.69 -11.77 38.67
N GLY C 48 -18.28 -11.48 39.83
CA GLY C 48 -18.46 -10.08 40.21
C GLY C 48 -17.15 -9.39 40.51
N ALA C 49 -16.31 -10.00 41.35
CA ALA C 49 -15.01 -9.42 41.67
C ALA C 49 -14.17 -9.23 40.41
N LEU C 50 -14.17 -10.22 39.52
CA LEU C 50 -13.38 -10.06 38.31
C LEU C 50 -13.97 -8.97 37.41
N TYR C 51 -15.29 -8.87 37.38
CA TYR C 51 -15.94 -7.84 36.55
C TYR C 51 -15.57 -6.44 37.01
N TRP C 52 -15.47 -6.23 38.34
CA TRP C 52 -15.08 -4.94 38.90
C TRP C 52 -13.83 -4.35 38.24
N HIS C 53 -12.85 -5.20 37.90
CA HIS C 53 -11.60 -4.72 37.30
C HIS C 53 -11.51 -4.94 35.79
N PHE C 54 -12.30 -5.85 35.23
CA PHE C 54 -12.26 -6.13 33.80
C PHE C 54 -13.64 -6.63 33.37
N LYS C 55 -14.33 -5.83 32.55
CA LYS C 55 -15.67 -6.20 32.11
C LYS C 55 -15.69 -7.52 31.33
N ASN C 56 -14.75 -7.70 30.39
CA ASN C 56 -14.78 -8.86 29.51
C ASN C 56 -13.38 -9.16 28.94
N LYS C 57 -13.32 -10.19 28.08
CA LYS C 57 -12.05 -10.75 27.63
C LYS C 57 -11.13 -9.72 27.00
N GLU C 58 -11.68 -8.87 26.11
CA GLU C 58 -10.83 -7.93 25.38
C GLU C 58 -10.05 -7.03 26.33
N ASP C 59 -10.69 -6.57 27.42
CA ASP C 59 -10.01 -5.66 28.33
C ASP C 59 -8.89 -6.35 29.09
N LEU C 60 -9.04 -7.63 29.40
CA LEU C 60 -7.95 -8.40 30.00
C LEU C 60 -6.79 -8.56 29.02
N PHE C 61 -7.10 -8.87 27.75
CA PHE C 61 -6.06 -9.00 26.74
C PHE C 61 -5.37 -7.65 26.50
N ASP C 62 -6.16 -6.57 26.47
CA ASP C 62 -5.57 -5.23 26.33
C ASP C 62 -4.56 -4.95 27.42
N ALA C 63 -4.89 -5.29 28.67
CA ALA C 63 -3.97 -5.01 29.75
C ALA C 63 -2.73 -5.91 29.69
N LEU C 64 -2.90 -7.18 29.31
CA LEU C 64 -1.74 -8.02 29.09
C LEU C 64 -0.83 -7.41 28.04
N PHE C 65 -1.43 -6.91 26.96
CA PHE C 65 -0.67 -6.17 25.96
C PHE C 65 0.04 -4.98 26.56
N GLN C 66 -0.54 -4.38 27.61
CA GLN C 66 0.05 -3.19 28.21
C GLN C 66 1.23 -3.55 29.11
N ARG C 67 1.11 -4.59 29.94
CA ARG C 67 2.25 -4.99 30.76
C ARG C 67 3.46 -5.38 29.91
N ILE C 68 3.23 -5.98 28.73
CA ILE C 68 4.35 -6.30 27.84
C ILE C 68 5.00 -5.02 27.33
N CYS C 69 4.20 -4.12 26.74
CA CYS C 69 4.74 -2.84 26.29
C CYS C 69 5.36 -2.04 27.44
N ASP C 70 4.94 -2.30 28.68
CA ASP C 70 5.54 -1.62 29.82
C ASP C 70 6.94 -2.16 30.10
N ASP C 71 7.06 -3.47 30.33
CA ASP C 71 8.37 -4.07 30.59
C ASP C 71 9.35 -3.74 29.48
N ILE C 72 8.89 -3.70 28.23
CA ILE C 72 9.79 -3.44 27.10
C ILE C 72 10.35 -2.03 27.19
N GLU C 73 9.52 -1.06 27.57
CA GLU C 73 9.96 0.32 27.57
C GLU C 73 10.64 0.74 28.87
N ASN C 74 10.61 -0.10 29.91
CA ASN C 74 11.41 0.15 31.10
C ASN C 74 12.83 -0.39 30.92
N CYS C 75 13.28 -0.52 29.67
CA CYS C 75 14.66 -0.92 29.36
C CYS C 75 15.28 0.09 28.41
N GLY C 85 27.17 5.31 21.02
CA GLY C 85 25.80 4.82 21.09
C GLY C 85 24.87 5.53 20.13
N GLY C 86 23.64 5.80 20.57
CA GLY C 86 22.65 6.48 19.76
C GLY C 86 21.27 5.85 19.76
N SER C 87 20.31 6.52 19.11
CA SER C 87 18.96 5.99 19.01
C SER C 87 18.93 4.67 18.24
N TRP C 88 19.73 4.57 17.17
CA TRP C 88 19.82 3.35 16.37
C TRP C 88 20.44 2.20 17.17
N THR C 89 21.39 2.52 18.04
CA THR C 89 22.01 1.49 18.89
C THR C 89 21.04 1.00 19.95
N VAL C 90 20.28 1.93 20.57
CA VAL C 90 19.25 1.54 21.53
C VAL C 90 18.24 0.61 20.87
N PHE C 91 17.82 0.93 19.66
CA PHE C 91 16.93 0.06 18.91
C PHE C 91 17.50 -1.35 18.78
N ARG C 92 18.76 -1.46 18.36
CA ARG C 92 19.41 -2.77 18.30
C ARG C 92 19.31 -3.51 19.62
N HIS C 93 19.63 -2.81 20.71
CA HIS C 93 19.59 -3.43 22.03
C HIS C 93 18.17 -3.85 22.40
N THR C 94 17.17 -3.12 21.92
CA THR C 94 15.79 -3.45 22.30
C THR C 94 15.34 -4.74 21.62
N LEU C 95 15.63 -4.87 20.32
CA LEU C 95 15.39 -6.13 19.62
C LEU C 95 16.10 -7.30 20.28
N LEU C 96 17.41 -7.17 20.54
CA LEU C 96 18.12 -8.28 21.18
C LEU C 96 17.48 -8.65 22.51
N HIS C 97 17.21 -7.63 23.34
CA HIS C 97 16.56 -7.85 24.64
C HIS C 97 15.20 -8.52 24.48
N PHE C 98 14.43 -8.10 23.48
CA PHE C 98 13.12 -8.68 23.28
C PHE C 98 13.21 -10.20 23.15
N PHE C 99 14.06 -10.69 22.23
CA PHE C 99 14.14 -12.14 22.03
C PHE C 99 14.77 -12.85 23.23
N GLU C 100 15.69 -12.21 23.93
CA GLU C 100 16.20 -12.81 25.17
C GLU C 100 15.07 -13.01 26.18
N ARG C 101 14.23 -11.98 26.37
CA ARG C 101 13.11 -12.07 27.31
C ARG C 101 12.08 -13.10 26.87
N LEU C 102 11.90 -13.27 25.56
CA LEU C 102 10.98 -14.29 25.07
C LEU C 102 11.34 -15.66 25.62
N GLN C 103 12.63 -15.92 25.81
CA GLN C 103 13.09 -17.20 26.33
C GLN C 103 12.99 -17.28 27.84
N SER C 104 13.20 -16.17 28.55
CA SER C 104 13.49 -16.18 29.98
C SER C 104 12.37 -15.63 30.85
N ASN C 105 11.46 -14.85 30.30
CA ASN C 105 10.38 -14.23 31.03
C ASN C 105 9.10 -15.00 30.69
N ASP C 106 8.58 -15.74 31.66
CA ASP C 106 7.48 -16.64 31.40
C ASP C 106 6.21 -15.92 30.97
N ILE C 107 6.04 -14.66 31.38
CA ILE C 107 4.89 -13.86 30.98
C ILE C 107 5.01 -13.41 29.51
N HIS C 108 6.21 -12.96 29.12
CA HIS C 108 6.44 -12.61 27.72
C HIS C 108 6.31 -13.84 26.83
N TYR C 109 6.90 -14.96 27.25
CA TYR C 109 6.79 -16.20 26.47
C TYR C 109 5.33 -16.54 26.17
N LYS C 110 4.48 -16.51 27.20
CA LYS C 110 3.09 -16.97 27.06
C LYS C 110 2.24 -15.98 26.29
N PHE C 111 2.39 -14.69 26.58
CA PHE C 111 1.61 -13.71 25.84
C PHE C 111 1.88 -13.81 24.33
N HIS C 112 3.16 -13.86 23.92
CA HIS C 112 3.41 -13.90 22.49
C HIS C 112 3.03 -15.25 21.89
N ASN C 113 3.13 -16.32 22.68
CA ASN C 113 2.64 -17.61 22.24
C ASN C 113 1.15 -17.56 21.95
N ILE C 114 0.37 -16.97 22.87
CA ILE C 114 -1.05 -16.75 22.63
C ILE C 114 -1.25 -15.94 21.37
N LEU C 115 -0.57 -14.80 21.28
CA LEU C 115 -0.82 -13.86 20.18
C LEU C 115 -0.61 -14.51 18.82
N PHE C 116 0.47 -15.28 18.70
CA PHE C 116 0.81 -15.87 17.41
C PHE C 116 0.11 -17.21 17.16
N LEU C 117 -0.20 -17.97 18.21
CA LEU C 117 -0.61 -19.36 18.05
C LEU C 117 -2.00 -19.67 18.59
N LYS C 118 -2.57 -18.82 19.46
CA LYS C 118 -3.79 -19.18 20.20
C LYS C 118 -4.86 -18.12 20.07
N CYS C 119 -4.94 -17.51 18.92
CA CYS C 119 -5.78 -16.35 18.84
C CYS C 119 -6.31 -16.28 17.41
N GLU C 120 -7.24 -17.20 17.10
CA GLU C 120 -7.85 -17.32 15.78
C GLU C 120 -8.51 -16.03 15.34
N HIS C 121 -8.31 -15.65 14.07
CA HIS C 121 -9.02 -14.50 13.50
C HIS C 121 -10.41 -14.91 13.00
N THR C 122 -11.24 -15.34 13.95
CA THR C 122 -12.63 -15.70 13.69
C THR C 122 -13.54 -14.53 14.06
N GLU C 123 -14.83 -14.68 13.71
CA GLU C 123 -15.82 -13.69 14.09
C GLU C 123 -16.07 -13.71 15.59
N GLN C 124 -15.72 -14.79 16.27
CA GLN C 124 -15.94 -14.88 17.70
C GLN C 124 -14.83 -14.20 18.50
N ASN C 125 -13.64 -14.05 17.92
CA ASN C 125 -12.55 -13.33 18.56
C ASN C 125 -12.41 -11.90 18.05
N ALA C 126 -13.41 -11.38 17.35
CA ALA C 126 -13.22 -10.14 16.60
C ALA C 126 -12.88 -8.93 17.49
N ALA C 127 -13.41 -8.89 18.72
CA ALA C 127 -13.06 -7.76 19.59
C ALA C 127 -11.61 -7.84 20.07
N VAL C 128 -11.18 -9.04 20.47
CA VAL C 128 -9.76 -9.25 20.78
C VAL C 128 -8.86 -8.88 19.59
N ILE C 129 -9.28 -9.23 18.37
CA ILE C 129 -8.45 -8.92 17.19
C ILE C 129 -8.30 -7.41 17.03
N ALA C 130 -9.37 -6.66 17.32
CA ALA C 130 -9.30 -5.20 17.25
C ALA C 130 -8.28 -4.64 18.24
N ILE C 131 -8.25 -5.19 19.46
CA ILE C 131 -7.24 -4.77 20.45
C ILE C 131 -5.84 -4.98 19.90
N ALA C 132 -5.52 -6.22 19.50
CA ALA C 132 -4.18 -6.51 18.99
C ALA C 132 -3.84 -5.61 17.81
N ARG C 133 -4.81 -5.37 16.93
CA ARG C 133 -4.60 -4.43 15.83
C ARG C 133 -4.27 -3.02 16.35
N LYS C 134 -4.81 -2.63 17.51
CA LYS C 134 -4.48 -1.31 18.04
C LYS C 134 -3.02 -1.23 18.48
N HIS C 135 -2.53 -2.26 19.16
CA HIS C 135 -1.13 -2.23 19.56
C HIS C 135 -0.16 -2.40 18.38
N GLN C 136 -0.60 -3.09 17.30
CA GLN C 136 0.25 -3.15 16.11
C GLN C 136 0.40 -1.78 15.46
N ALA C 137 -0.59 -0.90 15.66
CA ALA C 137 -0.53 0.48 15.18
C ALA C 137 0.43 1.31 16.02
N ILE C 138 0.32 1.19 17.34
CA ILE C 138 1.32 1.77 18.25
C ILE C 138 2.72 1.32 17.84
N TRP C 139 2.90 0.04 17.55
CA TRP C 139 4.24 -0.45 17.20
C TRP C 139 4.72 0.12 15.88
N ARG C 140 3.85 0.15 14.86
CA ARG C 140 4.26 0.74 13.59
C ARG C 140 4.73 2.18 13.80
N GLU C 141 4.01 2.94 14.62
CA GLU C 141 4.36 4.33 14.87
C GLU C 141 5.66 4.44 15.66
N LYS C 142 5.83 3.59 16.67
CA LYS C 142 7.10 3.60 17.39
C LYS C 142 8.25 3.25 16.46
N ILE C 143 8.01 2.39 15.46
CA ILE C 143 9.07 2.03 14.53
C ILE C 143 9.36 3.20 13.60
N THR C 144 8.31 3.90 13.16
CA THR C 144 8.52 5.01 12.22
C THR C 144 9.31 6.13 12.85
N ALA C 145 9.17 6.32 14.17
CA ALA C 145 9.94 7.34 14.86
C ALA C 145 11.42 6.96 14.96
N VAL C 146 11.71 5.69 15.25
CA VAL C 146 13.10 5.23 15.25
C VAL C 146 13.71 5.47 13.87
N LEU C 147 12.96 5.12 12.83
CA LEU C 147 13.45 5.24 11.47
C LEU C 147 13.72 6.71 11.11
N THR C 148 12.85 7.61 11.58
CA THR C 148 13.03 9.02 11.26
C THR C 148 14.25 9.59 11.99
N GLU C 149 14.32 9.36 13.30
CA GLU C 149 15.50 9.71 14.09
C GLU C 149 16.79 9.26 13.41
N ALA C 150 16.74 8.08 12.78
CA ALA C 150 17.93 7.46 12.23
C ALA C 150 18.38 8.09 10.93
N VAL C 151 17.46 8.64 10.12
CA VAL C 151 17.90 9.45 9.00
C VAL C 151 18.45 10.80 9.48
N GLU C 152 17.89 11.36 10.57
CA GLU C 152 18.36 12.64 11.12
C GLU C 152 19.78 12.50 11.65
N ASN C 153 20.00 11.53 12.54
CA ASN C 153 21.34 11.18 13.02
C ASN C 153 22.23 10.64 11.90
N GLN C 154 21.67 10.40 10.71
CA GLN C 154 22.39 9.89 9.54
C GLN C 154 22.84 8.43 9.72
N ASP C 155 22.11 7.65 10.51
CA ASP C 155 22.37 6.22 10.55
C ASP C 155 21.73 5.49 9.38
N LEU C 156 20.73 6.10 8.73
CA LEU C 156 20.04 5.54 7.59
C LEU C 156 19.98 6.59 6.48
N ALA C 157 19.88 6.12 5.23
CA ALA C 157 20.00 7.00 4.09
C ALA C 157 18.77 7.89 3.96
N ASP C 158 18.96 9.07 3.35
CA ASP C 158 17.86 10.03 3.26
C ASP C 158 16.75 9.51 2.35
N ASP C 159 17.11 8.72 1.34
CA ASP C 159 16.11 8.10 0.48
C ASP C 159 15.63 6.74 0.98
N LEU C 160 15.72 6.48 2.29
CA LEU C 160 15.16 5.26 2.86
C LEU C 160 13.67 5.21 2.58
N ASP C 161 13.23 4.18 1.86
CA ASP C 161 11.80 3.95 1.74
C ASP C 161 11.24 3.58 3.12
N LYS C 162 10.85 4.60 3.89
CA LYS C 162 10.62 4.40 5.31
C LYS C 162 9.38 3.55 5.56
N GLU C 163 8.43 3.59 4.64
CA GLU C 163 7.20 2.82 4.82
C GLU C 163 7.38 1.37 4.40
N THR C 164 8.18 1.14 3.36
CA THR C 164 8.59 -0.23 3.06
C THR C 164 9.49 -0.77 4.16
N ALA C 165 10.30 0.08 4.78
CA ALA C 165 11.16 -0.37 5.87
C ALA C 165 10.34 -0.84 7.08
N VAL C 166 9.27 -0.13 7.43
CA VAL C 166 8.52 -0.57 8.61
C VAL C 166 7.91 -1.94 8.36
N ILE C 167 7.43 -2.20 7.14
CA ILE C 167 6.87 -3.52 6.80
C ILE C 167 7.97 -4.59 6.84
N PHE C 168 9.16 -4.21 6.38
CA PHE C 168 10.32 -5.10 6.41
C PHE C 168 10.69 -5.47 7.83
N ILE C 169 10.72 -4.47 8.72
CA ILE C 169 11.12 -4.71 10.08
C ILE C 169 10.12 -5.64 10.77
N LYS C 170 8.83 -5.35 10.60
CA LYS C 170 7.81 -6.13 11.29
C LYS C 170 7.75 -7.57 10.77
N SER C 171 7.85 -7.72 9.45
CA SER C 171 7.91 -9.01 8.78
C SER C 171 9.06 -9.86 9.29
N THR C 172 10.23 -9.27 9.50
CA THR C 172 11.39 -10.00 9.94
C THR C 172 11.22 -10.52 11.37
N LEU C 173 10.74 -9.64 12.26
CA LEU C 173 10.51 -10.02 13.66
C LEU C 173 9.33 -10.97 13.80
N ASP C 174 8.25 -10.71 13.07
CA ASP C 174 7.10 -11.60 13.06
C ASP C 174 7.50 -13.00 12.59
N GLY C 175 8.33 -13.09 11.55
CA GLY C 175 8.71 -14.39 11.03
C GLY C 175 9.53 -15.20 12.01
N LEU C 176 10.54 -14.58 12.63
CA LEU C 176 11.30 -15.28 13.65
C LEU C 176 10.41 -15.76 14.79
N ILE C 177 9.51 -14.89 15.27
CA ILE C 177 8.63 -15.29 16.37
C ILE C 177 7.72 -16.42 15.94
N TRP C 178 7.05 -16.27 14.80
CA TRP C 178 6.16 -17.32 14.34
C TRP C 178 6.93 -18.61 14.12
N ARG C 179 8.13 -18.49 13.58
CA ARG C 179 8.90 -19.69 13.28
C ARG C 179 9.26 -20.42 14.56
N TRP C 180 9.71 -19.69 15.57
CA TRP C 180 10.17 -20.33 16.80
C TRP C 180 9.02 -21.01 17.52
N PHE C 181 7.89 -20.32 17.67
CA PHE C 181 6.74 -20.92 18.34
C PHE C 181 6.13 -22.06 17.50
N SER C 182 5.96 -21.83 16.19
CA SER C 182 5.24 -22.82 15.39
C SER C 182 6.06 -24.09 15.22
N SER C 183 7.39 -23.98 15.23
CA SER C 183 8.24 -25.16 15.18
C SER C 183 8.32 -25.90 16.51
N GLY C 184 7.59 -25.48 17.55
CA GLY C 184 7.80 -26.08 18.85
C GLY C 184 9.15 -25.75 19.43
N GLU C 185 9.68 -24.54 19.14
CA GLU C 185 10.96 -24.06 19.69
C GLU C 185 12.12 -25.01 19.36
N SER C 186 12.13 -25.56 18.15
CA SER C 186 13.14 -26.56 17.83
C SER C 186 14.50 -25.97 17.46
N PHE C 187 14.74 -24.67 17.64
CA PHE C 187 16.06 -24.12 17.41
C PHE C 187 16.41 -23.11 18.50
N ASP C 188 17.71 -22.82 18.62
CA ASP C 188 18.26 -21.97 19.66
C ASP C 188 18.00 -20.51 19.30
N LEU C 189 16.97 -19.93 19.92
CA LEU C 189 16.62 -18.53 19.72
C LEU C 189 17.73 -17.59 20.17
N GLY C 190 18.50 -17.98 21.19
CA GLY C 190 19.63 -17.16 21.62
C GLY C 190 20.72 -16.97 20.56
N LYS C 191 20.95 -17.99 19.72
CA LYS C 191 21.99 -17.93 18.69
C LYS C 191 21.43 -17.43 17.35
N THR C 192 20.17 -17.76 17.06
CA THR C 192 19.55 -17.38 15.79
C THR C 192 19.12 -15.91 15.76
N ALA C 193 18.54 -15.38 16.85
CA ALA C 193 17.95 -14.04 16.78
C ALA C 193 18.97 -12.93 16.49
N PRO C 194 20.13 -12.88 17.14
CA PRO C 194 21.11 -11.84 16.79
C PRO C 194 21.59 -11.93 15.35
N ARG C 195 21.56 -13.12 14.75
CA ARG C 195 21.91 -13.24 13.34
C ARG C 195 20.78 -12.72 12.47
N ILE C 196 19.53 -13.06 12.79
CA ILE C 196 18.40 -12.49 12.07
C ILE C 196 18.40 -10.96 12.18
N ILE C 197 18.54 -10.43 13.40
CA ILE C 197 18.57 -8.98 13.62
C ILE C 197 19.78 -8.34 12.92
N GLY C 198 20.96 -8.96 13.04
CA GLY C 198 22.15 -8.40 12.41
C GLY C 198 21.98 -8.22 10.91
N ILE C 199 21.49 -9.25 10.24
CA ILE C 199 21.21 -9.18 8.82
C ILE C 199 20.18 -8.09 8.53
N MET C 200 19.08 -8.07 9.28
CA MET C 200 18.01 -7.12 8.98
C MET C 200 18.52 -5.69 9.15
N MET C 201 19.38 -5.47 10.15
CA MET C 201 19.89 -4.13 10.38
C MET C 201 20.84 -3.69 9.26
N ASP C 202 21.75 -4.57 8.83
CA ASP C 202 22.61 -4.28 7.69
C ASP C 202 21.81 -4.05 6.41
N ASN C 203 20.70 -4.78 6.23
CA ASN C 203 19.86 -4.57 5.05
C ASN C 203 19.27 -3.16 5.04
N LEU C 204 18.73 -2.72 6.19
CA LEU C 204 18.16 -1.39 6.31
C LEU C 204 19.18 -0.31 6.04
N GLU C 205 20.43 -0.54 6.46
CA GLU C 205 21.50 0.42 6.26
C GLU C 205 22.01 0.43 4.82
N ASN C 206 22.03 -0.71 4.15
CA ASN C 206 22.77 -0.83 2.91
C ASN C 206 21.98 -1.34 1.71
N HIS C 207 20.83 -2.02 1.90
CA HIS C 207 20.36 -2.68 0.68
C HIS C 207 19.59 -1.72 -0.22
N PRO C 208 19.86 -1.73 -1.53
CA PRO C 208 19.18 -0.79 -2.44
C PRO C 208 17.68 -0.98 -2.51
N CYS C 209 17.20 -2.22 -2.41
CA CYS C 209 15.76 -2.44 -2.48
C CYS C 209 14.98 -1.84 -1.31
N LEU C 210 15.62 -1.15 -0.36
CA LEU C 210 14.89 -0.54 0.74
C LEU C 210 14.80 0.98 0.61
N ARG C 211 15.25 1.52 -0.52
CA ARG C 211 15.19 2.95 -0.82
C ARG C 211 14.01 3.26 -1.73
N ARG C 212 13.65 4.55 -1.79
CA ARG C 212 12.50 5.02 -2.57
C ARG C 212 12.79 4.92 -4.07
N LYS D 13 -11.81 -36.85 -8.13
CA LYS D 13 -13.18 -37.26 -8.37
C LYS D 13 -14.12 -36.53 -7.41
N THR D 14 -15.10 -37.26 -6.88
CA THR D 14 -16.02 -36.71 -5.88
C THR D 14 -15.30 -36.25 -4.62
N LYS D 15 -14.11 -36.78 -4.35
CA LYS D 15 -13.34 -36.30 -3.20
C LYS D 15 -13.02 -34.82 -3.33
N GLU D 16 -12.96 -34.30 -4.57
CA GLU D 16 -12.58 -32.90 -4.76
C GLU D 16 -13.62 -31.96 -4.18
N HIS D 17 -14.90 -32.29 -4.31
CA HIS D 17 -15.94 -31.48 -3.67
C HIS D 17 -15.79 -31.49 -2.16
N LEU D 18 -15.55 -32.67 -1.56
CA LEU D 18 -15.43 -32.74 -0.11
C LEU D 18 -14.27 -31.90 0.41
N MET D 19 -13.13 -31.94 -0.30
CA MET D 19 -12.00 -31.05 -0.01
C MET D 19 -12.42 -29.59 -0.03
N LEU D 20 -13.26 -29.20 -1.00
CA LEU D 20 -13.63 -27.80 -1.12
C LEU D 20 -14.54 -27.38 0.03
N ALA D 21 -15.50 -28.23 0.40
CA ALA D 21 -16.36 -27.93 1.53
C ALA D 21 -15.53 -27.76 2.80
N ALA D 22 -14.54 -28.63 3.01
CA ALA D 22 -13.69 -28.52 4.18
C ALA D 22 -12.96 -27.18 4.17
N LEU D 23 -12.33 -26.85 3.04
CA LEU D 23 -11.60 -25.59 2.90
C LEU D 23 -12.50 -24.39 3.18
N GLU D 24 -13.72 -24.40 2.65
CA GLU D 24 -14.64 -23.29 2.90
C GLU D 24 -15.05 -23.21 4.38
N THR D 25 -15.37 -24.35 4.97
CA THR D 25 -15.80 -24.33 6.37
C THR D 25 -14.64 -23.99 7.31
N PHE D 26 -13.43 -24.48 7.00
CA PHE D 26 -12.27 -24.10 7.80
C PHE D 26 -12.04 -22.60 7.75
N TYR D 27 -12.28 -22.00 6.59
CA TYR D 27 -12.02 -20.59 6.39
C TYR D 27 -13.03 -19.73 7.12
N ARG D 28 -14.28 -20.18 7.20
CA ARG D 28 -15.32 -19.46 7.93
C ARG D 28 -15.13 -19.55 9.44
N LYS D 29 -15.07 -20.77 9.98
CA LYS D 29 -15.14 -20.96 11.42
C LYS D 29 -13.82 -21.38 12.07
N GLY D 30 -12.74 -21.51 11.29
CA GLY D 30 -11.50 -22.05 11.81
C GLY D 30 -11.53 -23.57 11.93
N ILE D 31 -10.34 -24.14 12.16
CA ILE D 31 -10.21 -25.60 12.09
C ILE D 31 -10.77 -26.25 13.35
N ALA D 32 -10.57 -25.63 14.51
CA ALA D 32 -11.02 -26.24 15.76
C ALA D 32 -12.54 -26.32 15.84
N ARG D 33 -13.23 -25.23 15.51
CA ARG D 33 -14.68 -25.20 15.65
C ARG D 33 -15.40 -25.93 14.52
N THR D 34 -14.67 -26.40 13.52
CA THR D 34 -15.28 -27.11 12.40
C THR D 34 -15.47 -28.58 12.75
N SER D 35 -16.65 -29.10 12.47
CA SER D 35 -16.97 -30.50 12.69
C SER D 35 -17.12 -31.23 11.37
N LEU D 36 -16.79 -32.52 11.40
CA LEU D 36 -16.97 -33.39 10.24
C LEU D 36 -18.40 -33.32 9.70
N ASN D 37 -19.38 -33.33 10.61
CA ASN D 37 -20.77 -33.15 10.25
C ASN D 37 -20.96 -31.90 9.38
N GLU D 38 -20.39 -30.77 9.81
CA GLU D 38 -20.60 -29.52 9.09
C GLU D 38 -20.06 -29.61 7.67
N ILE D 39 -18.88 -30.22 7.50
CA ILE D 39 -18.30 -30.34 6.18
C ILE D 39 -19.22 -31.14 5.27
N ALA D 40 -19.85 -32.19 5.81
CA ALA D 40 -20.77 -32.99 5.02
C ALA D 40 -21.95 -32.15 4.56
N GLN D 41 -22.59 -31.40 5.47
CA GLN D 41 -23.73 -30.58 5.07
C GLN D 41 -23.34 -29.60 3.98
N ALA D 42 -22.23 -28.87 4.19
CA ALA D 42 -21.76 -27.91 3.21
C ALA D 42 -21.53 -28.54 1.85
N ALA D 43 -21.29 -29.84 1.80
CA ALA D 43 -21.06 -30.54 0.55
C ALA D 43 -22.31 -31.18 -0.03
N GLY D 44 -23.39 -31.27 0.75
CA GLY D 44 -24.62 -31.89 0.29
C GLY D 44 -24.61 -33.39 0.33
N VAL D 45 -24.10 -33.94 1.44
CA VAL D 45 -23.64 -35.33 1.51
C VAL D 45 -23.88 -35.86 2.92
N THR D 46 -24.22 -37.15 3.03
CA THR D 46 -24.48 -37.70 4.34
C THR D 46 -23.18 -37.83 5.15
N ARG D 47 -23.34 -38.05 6.45
CA ARG D 47 -22.17 -38.34 7.29
C ARG D 47 -21.42 -39.56 6.77
N GLY D 48 -22.15 -40.61 6.37
CA GLY D 48 -21.50 -41.84 5.93
C GLY D 48 -20.72 -41.67 4.64
N ALA D 49 -21.27 -40.91 3.68
CA ALA D 49 -20.60 -40.75 2.40
C ALA D 49 -19.27 -40.00 2.54
N LEU D 50 -19.15 -39.10 3.51
CA LEU D 50 -17.87 -38.43 3.71
C LEU D 50 -16.85 -39.35 4.37
N TYR D 51 -17.27 -40.09 5.42
CA TYR D 51 -16.36 -40.96 6.14
C TYR D 51 -15.67 -41.98 5.23
N TRP D 52 -16.37 -42.45 4.18
CA TRP D 52 -15.72 -43.33 3.22
C TRP D 52 -14.43 -42.72 2.65
N HIS D 53 -14.44 -41.42 2.36
CA HIS D 53 -13.29 -40.80 1.72
C HIS D 53 -12.29 -40.22 2.70
N PHE D 54 -12.72 -39.80 3.89
CA PHE D 54 -11.85 -39.14 4.87
C PHE D 54 -12.21 -39.61 6.27
N LYS D 55 -11.25 -40.22 6.95
CA LYS D 55 -11.49 -40.71 8.31
C LYS D 55 -11.96 -39.59 9.21
N ASN D 56 -11.35 -38.42 9.10
CA ASN D 56 -11.48 -37.41 10.14
C ASN D 56 -11.19 -36.04 9.54
N LYS D 57 -11.21 -35.03 10.41
CA LYS D 57 -10.84 -33.67 10.04
C LYS D 57 -9.40 -33.61 9.57
N GLU D 58 -8.51 -34.32 10.27
CA GLU D 58 -7.09 -34.32 9.95
C GLU D 58 -6.82 -34.70 8.49
N ASP D 59 -7.47 -35.77 8.00
CA ASP D 59 -7.17 -36.26 6.66
C ASP D 59 -7.55 -35.24 5.59
N LEU D 60 -8.71 -34.59 5.75
CA LEU D 60 -9.12 -33.51 4.84
C LEU D 60 -8.09 -32.39 4.81
N PHE D 61 -7.67 -31.93 5.98
CA PHE D 61 -6.61 -30.93 6.07
C PHE D 61 -5.33 -31.40 5.36
N ASP D 62 -4.88 -32.62 5.66
CA ASP D 62 -3.72 -33.21 5.00
C ASP D 62 -3.86 -33.19 3.48
N ALA D 63 -5.03 -33.60 2.97
CA ALA D 63 -5.25 -33.63 1.53
C ALA D 63 -5.23 -32.23 0.92
N LEU D 64 -5.64 -31.21 1.67
CA LEU D 64 -5.58 -29.84 1.15
C LEU D 64 -4.14 -29.33 1.09
N PHE D 65 -3.39 -29.54 2.17
CA PHE D 65 -1.96 -29.28 2.16
C PHE D 65 -1.31 -29.90 0.93
N GLN D 66 -1.60 -31.19 0.70
CA GLN D 66 -1.00 -31.92 -0.41
C GLN D 66 -1.36 -31.30 -1.75
N ARG D 67 -2.63 -30.93 -1.92
CA ARG D 67 -3.02 -30.35 -3.20
C ARG D 67 -2.36 -29.00 -3.41
N ILE D 68 -2.14 -28.26 -2.32
CA ILE D 68 -1.38 -27.01 -2.40
C ILE D 68 0.05 -27.29 -2.83
N CYS D 69 0.71 -28.24 -2.15
CA CYS D 69 2.08 -28.60 -2.51
C CYS D 69 2.17 -29.06 -3.96
N ASP D 70 1.15 -29.78 -4.42
CA ASP D 70 1.13 -30.28 -5.79
C ASP D 70 1.06 -29.15 -6.80
N ASP D 71 0.30 -28.10 -6.50
CA ASP D 71 0.19 -26.97 -7.43
C ASP D 71 1.53 -26.26 -7.57
N ILE D 72 2.27 -26.10 -6.47
CA ILE D 72 3.55 -25.42 -6.54
C ILE D 72 4.56 -26.24 -7.32
N GLU D 73 4.62 -27.55 -7.04
CA GLU D 73 5.55 -28.47 -7.69
C GLU D 73 5.25 -28.68 -9.17
N ASN D 74 4.19 -28.08 -9.70
CA ASN D 74 3.79 -28.28 -11.09
C ASN D 74 4.42 -27.27 -12.04
N CYS D 75 5.40 -26.50 -11.56
CA CYS D 75 6.05 -25.47 -12.39
C CYS D 75 7.56 -25.48 -12.18
N SER D 87 18.68 -23.04 -11.68
CA SER D 87 18.02 -23.77 -10.60
C SER D 87 17.79 -22.84 -9.40
N TRP D 88 18.83 -22.06 -9.07
CA TRP D 88 18.73 -21.01 -8.07
C TRP D 88 17.87 -19.86 -8.57
N THR D 89 17.96 -19.55 -9.89
CA THR D 89 17.00 -18.61 -10.49
C THR D 89 15.63 -19.25 -10.63
N VAL D 90 15.58 -20.57 -10.81
CA VAL D 90 14.30 -21.28 -10.72
C VAL D 90 13.65 -21.05 -9.34
N PHE D 91 14.41 -21.29 -8.27
CA PHE D 91 13.97 -21.00 -6.90
C PHE D 91 13.45 -19.57 -6.80
N ARG D 92 14.24 -18.61 -7.31
CA ARG D 92 13.80 -17.22 -7.38
C ARG D 92 12.39 -17.11 -7.94
N HIS D 93 12.13 -17.77 -9.08
CA HIS D 93 10.83 -17.62 -9.73
C HIS D 93 9.72 -18.35 -8.99
N THR D 94 10.02 -19.52 -8.43
CA THR D 94 9.00 -20.25 -7.69
C THR D 94 8.50 -19.45 -6.49
N LEU D 95 9.42 -18.76 -5.79
CA LEU D 95 9.02 -17.94 -4.65
C LEU D 95 8.09 -16.80 -5.08
N LEU D 96 8.47 -16.07 -6.13
CA LEU D 96 7.61 -15.00 -6.62
C LEU D 96 6.25 -15.53 -7.07
N HIS D 97 6.23 -16.66 -7.79
CA HIS D 97 4.95 -17.25 -8.18
C HIS D 97 4.12 -17.66 -6.96
N PHE D 98 4.78 -18.03 -5.85
CA PHE D 98 4.04 -18.40 -4.66
C PHE D 98 3.23 -17.22 -4.13
N PHE D 99 3.88 -16.05 -4.03
CA PHE D 99 3.22 -14.87 -3.51
C PHE D 99 2.22 -14.26 -4.48
N GLU D 100 2.34 -14.58 -5.77
CA GLU D 100 1.36 -14.12 -6.75
C GLU D 100 0.12 -15.01 -6.73
N ARG D 101 0.29 -16.32 -6.61
CA ARG D 101 -0.84 -17.23 -6.41
C ARG D 101 -1.58 -16.91 -5.12
N LEU D 102 -0.85 -16.56 -4.06
CA LEU D 102 -1.47 -16.15 -2.81
C LEU D 102 -2.46 -15.01 -3.01
N GLN D 103 -2.13 -14.05 -3.89
CA GLN D 103 -2.98 -12.88 -4.07
C GLN D 103 -4.11 -13.13 -5.06
N SER D 104 -4.00 -14.14 -5.92
CA SER D 104 -4.87 -14.29 -7.08
C SER D 104 -5.64 -15.60 -7.14
N ASN D 105 -5.25 -16.63 -6.39
CA ASN D 105 -5.89 -17.94 -6.39
C ASN D 105 -6.63 -18.14 -5.07
N ASP D 106 -7.93 -18.39 -5.14
CA ASP D 106 -8.78 -18.41 -3.95
C ASP D 106 -8.42 -19.58 -3.04
N ILE D 107 -8.09 -20.75 -3.61
CA ILE D 107 -7.74 -21.90 -2.79
C ILE D 107 -6.42 -21.67 -2.05
N HIS D 108 -5.42 -21.11 -2.74
CA HIS D 108 -4.15 -20.85 -2.08
C HIS D 108 -4.28 -19.72 -1.08
N TYR D 109 -5.11 -18.72 -1.38
CA TYR D 109 -5.37 -17.66 -0.41
C TYR D 109 -6.06 -18.23 0.83
N LYS D 110 -7.17 -18.95 0.62
CA LYS D 110 -7.93 -19.47 1.75
C LYS D 110 -7.10 -20.41 2.60
N PHE D 111 -6.30 -21.27 1.97
CA PHE D 111 -5.56 -22.28 2.72
C PHE D 111 -4.48 -21.67 3.61
N HIS D 112 -3.69 -20.75 3.06
CA HIS D 112 -2.64 -20.18 3.89
C HIS D 112 -3.22 -19.26 4.96
N ASN D 113 -4.36 -18.63 4.66
CA ASN D 113 -5.09 -17.87 5.68
C ASN D 113 -5.48 -18.77 6.84
N ILE D 114 -6.08 -19.93 6.54
CA ILE D 114 -6.47 -20.86 7.59
C ILE D 114 -5.23 -21.27 8.41
N LEU D 115 -4.12 -21.58 7.73
CA LEU D 115 -2.94 -22.08 8.40
C LEU D 115 -2.35 -21.05 9.37
N PHE D 116 -2.20 -19.81 8.91
CA PHE D 116 -1.54 -18.83 9.76
C PHE D 116 -2.50 -18.18 10.76
N LEU D 117 -3.78 -18.03 10.40
CA LEU D 117 -4.71 -17.25 11.22
C LEU D 117 -5.84 -18.06 11.87
N LYS D 118 -6.14 -19.28 11.43
CA LYS D 118 -7.36 -19.97 11.84
C LYS D 118 -7.09 -21.40 12.31
N CYS D 119 -5.97 -21.62 12.99
CA CYS D 119 -5.48 -22.96 13.33
C CYS D 119 -4.67 -22.89 14.63
N GLU D 120 -5.39 -22.67 15.73
CA GLU D 120 -4.73 -22.44 17.02
C GLU D 120 -4.05 -23.71 17.54
N HIS D 121 -2.99 -23.49 18.33
CA HIS D 121 -2.20 -24.58 18.89
C HIS D 121 -2.73 -25.00 20.26
N THR D 122 -3.94 -25.54 20.25
CA THR D 122 -4.50 -26.20 21.43
C THR D 122 -4.42 -27.72 21.31
N GLU D 123 -4.68 -28.38 22.44
CA GLU D 123 -4.73 -29.83 22.43
C GLU D 123 -5.94 -30.34 21.66
N GLN D 124 -7.00 -29.53 21.58
CA GLN D 124 -8.11 -29.78 20.67
C GLN D 124 -7.68 -29.83 19.20
N ASN D 125 -6.55 -29.21 18.84
CA ASN D 125 -6.06 -29.26 17.45
C ASN D 125 -4.76 -30.03 17.29
N ALA D 126 -4.29 -30.72 18.33
CA ALA D 126 -2.96 -31.30 18.30
C ALA D 126 -2.72 -32.15 17.07
N ALA D 127 -3.72 -32.94 16.65
CA ALA D 127 -3.50 -33.85 15.52
C ALA D 127 -3.39 -33.07 14.22
N VAL D 128 -4.22 -32.03 14.07
CA VAL D 128 -4.12 -31.13 12.92
C VAL D 128 -2.73 -30.50 12.88
N ILE D 129 -2.21 -30.10 14.05
CA ILE D 129 -0.90 -29.46 14.09
C ILE D 129 0.20 -30.46 13.77
N ALA D 130 -0.02 -31.75 14.04
CA ALA D 130 0.95 -32.77 13.62
C ALA D 130 1.00 -32.92 12.11
N ILE D 131 -0.17 -32.96 11.46
CA ILE D 131 -0.22 -32.91 10.00
C ILE D 131 0.60 -31.74 9.47
N ALA D 132 0.34 -30.54 9.98
CA ALA D 132 1.05 -29.36 9.49
C ALA D 132 2.54 -29.45 9.77
N ARG D 133 2.92 -30.01 10.93
CA ARG D 133 4.34 -30.22 11.20
C ARG D 133 4.97 -31.20 10.18
N LYS D 134 4.20 -32.18 9.68
CA LYS D 134 4.78 -33.10 8.70
C LYS D 134 5.12 -32.38 7.40
N HIS D 135 4.24 -31.48 6.96
CA HIS D 135 4.48 -30.77 5.71
C HIS D 135 5.61 -29.75 5.87
N GLN D 136 5.66 -29.07 7.02
CA GLN D 136 6.77 -28.19 7.32
C GLN D 136 8.10 -28.92 7.17
N ALA D 137 8.16 -30.17 7.66
CA ALA D 137 9.36 -30.98 7.47
C ALA D 137 9.64 -31.21 5.99
N ILE D 138 8.62 -31.63 5.23
CA ILE D 138 8.77 -31.80 3.78
C ILE D 138 9.39 -30.55 3.17
N TRP D 139 8.86 -29.39 3.54
CA TRP D 139 9.38 -28.16 2.96
C TRP D 139 10.79 -27.87 3.43
N ARG D 140 11.15 -28.32 4.63
CA ARG D 140 12.52 -28.11 5.11
C ARG D 140 13.53 -28.86 4.24
N GLU D 141 13.27 -30.15 3.96
CA GLU D 141 14.18 -30.87 3.09
C GLU D 141 14.12 -30.36 1.65
N LYS D 142 12.94 -29.95 1.19
CA LYS D 142 12.86 -29.32 -0.12
C LYS D 142 13.78 -28.10 -0.19
N ILE D 143 13.84 -27.30 0.89
CA ILE D 143 14.72 -26.13 0.90
C ILE D 143 16.17 -26.57 0.96
N THR D 144 16.48 -27.55 1.80
CA THR D 144 17.85 -28.03 1.89
C THR D 144 18.36 -28.54 0.54
N ALA D 145 17.52 -29.28 -0.21
CA ALA D 145 17.96 -29.73 -1.53
C ALA D 145 18.27 -28.54 -2.44
N VAL D 146 17.44 -27.48 -2.39
CA VAL D 146 17.68 -26.35 -3.27
C VAL D 146 19.01 -25.66 -2.92
N LEU D 147 19.30 -25.53 -1.62
CA LEU D 147 20.57 -24.95 -1.19
C LEU D 147 21.76 -25.78 -1.67
N THR D 148 21.69 -27.10 -1.47
CA THR D 148 22.82 -27.97 -1.83
C THR D 148 23.14 -27.85 -3.32
N GLU D 149 22.11 -27.88 -4.18
CA GLU D 149 22.31 -27.74 -5.62
C GLU D 149 22.96 -26.41 -5.98
N ALA D 150 22.66 -25.34 -5.22
CA ALA D 150 23.27 -24.04 -5.49
C ALA D 150 24.69 -23.93 -4.96
N VAL D 151 25.03 -24.61 -3.87
CA VAL D 151 26.43 -24.78 -3.51
C VAL D 151 27.19 -25.44 -4.65
N GLU D 152 26.82 -26.68 -4.98
CA GLU D 152 27.54 -27.42 -6.02
C GLU D 152 27.61 -26.65 -7.33
N ASN D 153 26.55 -25.92 -7.71
CA ASN D 153 26.59 -25.07 -8.90
C ASN D 153 27.41 -23.81 -8.66
N GLN D 154 27.74 -23.51 -7.40
CA GLN D 154 28.52 -22.33 -6.99
C GLN D 154 27.72 -21.04 -7.20
N ASP D 155 26.38 -21.16 -7.20
CA ASP D 155 25.55 -19.98 -6.95
C ASP D 155 25.66 -19.52 -5.50
N LEU D 156 26.02 -20.43 -4.59
CA LEU D 156 26.19 -20.13 -3.18
C LEU D 156 27.55 -20.64 -2.71
N ALA D 157 28.14 -19.91 -1.77
CA ALA D 157 29.49 -20.20 -1.30
C ALA D 157 29.59 -21.60 -0.68
N ASP D 158 30.84 -22.08 -0.60
CA ASP D 158 31.13 -23.42 -0.09
C ASP D 158 30.73 -23.55 1.37
N ASP D 159 31.06 -22.54 2.18
CA ASP D 159 30.87 -22.63 3.62
C ASP D 159 29.56 -22.00 4.06
N LEU D 160 28.56 -21.98 3.18
CA LEU D 160 27.22 -21.57 3.56
C LEU D 160 26.75 -22.43 4.74
N ASP D 161 26.32 -21.77 5.80
CA ASP D 161 25.74 -22.47 6.94
C ASP D 161 24.34 -22.89 6.53
N LYS D 162 24.17 -24.16 6.18
CA LYS D 162 22.90 -24.60 5.59
C LYS D 162 21.77 -24.70 6.61
N GLU D 163 22.08 -25.12 7.84
CA GLU D 163 21.03 -25.21 8.85
C GLU D 163 20.51 -23.83 9.22
N THR D 164 21.41 -22.87 9.46
CA THR D 164 20.93 -21.51 9.69
C THR D 164 20.12 -21.01 8.50
N ALA D 165 20.60 -21.30 7.27
CA ALA D 165 19.99 -20.74 6.05
C ALA D 165 18.56 -21.22 5.87
N VAL D 166 18.27 -22.49 6.16
CA VAL D 166 16.90 -22.99 6.03
C VAL D 166 15.99 -22.30 7.04
N ILE D 167 16.49 -22.04 8.24
CA ILE D 167 15.68 -21.33 9.22
C ILE D 167 15.47 -19.91 8.76
N PHE D 168 16.50 -19.32 8.14
CA PHE D 168 16.42 -17.96 7.62
C PHE D 168 15.35 -17.82 6.53
N ILE D 169 15.29 -18.80 5.63
CA ILE D 169 14.32 -18.73 4.54
C ILE D 169 12.89 -18.85 5.07
N LYS D 170 12.61 -19.89 5.84
CA LYS D 170 11.26 -20.06 6.39
C LYS D 170 10.84 -18.84 7.21
N SER D 171 11.73 -18.40 8.09
CA SER D 171 11.42 -17.26 8.95
C SER D 171 11.10 -16.02 8.12
N THR D 172 11.92 -15.74 7.09
CA THR D 172 11.68 -14.61 6.19
C THR D 172 10.35 -14.73 5.48
N LEU D 173 10.12 -15.87 4.83
CA LEU D 173 8.85 -16.10 4.13
C LEU D 173 7.66 -16.15 5.09
N ASP D 174 7.78 -16.92 6.19
CA ASP D 174 6.69 -16.94 7.19
C ASP D 174 6.31 -15.53 7.62
N GLY D 175 7.33 -14.67 7.82
CA GLY D 175 7.05 -13.32 8.31
C GLY D 175 6.24 -12.50 7.33
N LEU D 176 6.61 -12.56 6.04
CA LEU D 176 5.84 -11.85 5.03
C LEU D 176 4.40 -12.34 4.96
N ILE D 177 4.19 -13.66 5.01
CA ILE D 177 2.85 -14.23 4.98
C ILE D 177 2.06 -13.80 6.21
N TRP D 178 2.65 -13.98 7.39
CA TRP D 178 1.96 -13.65 8.62
C TRP D 178 1.61 -12.17 8.64
N ARG D 179 2.59 -11.31 8.36
CA ARG D 179 2.37 -9.87 8.24
C ARG D 179 1.23 -9.56 7.28
N TRP D 180 1.25 -10.13 6.07
CA TRP D 180 0.22 -9.81 5.07
C TRP D 180 -1.17 -10.16 5.58
N PHE D 181 -1.35 -11.39 6.09
CA PHE D 181 -2.65 -11.81 6.56
C PHE D 181 -3.04 -11.11 7.86
N SER D 182 -2.10 -11.02 8.81
CA SER D 182 -2.40 -10.45 10.13
C SER D 182 -2.80 -8.99 10.04
N SER D 183 -2.31 -8.28 9.03
CA SER D 183 -2.60 -6.87 8.82
C SER D 183 -3.85 -6.63 7.99
N GLY D 184 -4.60 -7.67 7.66
CA GLY D 184 -5.73 -7.53 6.76
C GLY D 184 -5.38 -7.16 5.33
N GLU D 185 -4.22 -7.62 4.84
CA GLU D 185 -3.82 -7.44 3.45
C GLU D 185 -3.71 -5.94 3.10
N SER D 186 -3.27 -5.15 4.08
CA SER D 186 -3.22 -3.69 3.94
C SER D 186 -1.90 -3.20 3.38
N PHE D 187 -1.25 -3.98 2.52
CA PHE D 187 -0.15 -3.49 1.70
C PHE D 187 -0.06 -4.40 0.48
N ASP D 188 0.63 -3.91 -0.55
CA ASP D 188 0.61 -4.55 -1.86
C ASP D 188 1.64 -5.67 -1.88
N LEU D 189 1.15 -6.89 -1.66
CA LEU D 189 2.01 -8.07 -1.74
C LEU D 189 2.71 -8.17 -3.08
N GLY D 190 2.03 -7.79 -4.17
CA GLY D 190 2.63 -7.90 -5.49
C GLY D 190 3.90 -7.10 -5.66
N LYS D 191 4.00 -5.97 -4.98
CA LYS D 191 5.21 -5.16 -5.01
C LYS D 191 6.15 -5.49 -3.86
N THR D 192 5.62 -5.83 -2.68
CA THR D 192 6.48 -6.06 -1.53
C THR D 192 7.25 -7.37 -1.66
N ALA D 193 6.57 -8.44 -2.03
CA ALA D 193 7.20 -9.75 -2.03
C ALA D 193 8.49 -9.78 -2.84
N PRO D 194 8.57 -9.18 -4.05
CA PRO D 194 9.84 -9.30 -4.81
C PRO D 194 11.01 -8.64 -4.13
N ARG D 195 10.77 -7.55 -3.41
CA ARG D 195 11.84 -6.92 -2.66
C ARG D 195 12.32 -7.81 -1.52
N ILE D 196 11.37 -8.36 -0.74
CA ILE D 196 11.68 -9.34 0.30
C ILE D 196 12.48 -10.51 -0.29
N ILE D 197 11.99 -11.09 -1.38
CA ILE D 197 12.66 -12.24 -1.99
C ILE D 197 14.04 -11.86 -2.54
N GLY D 198 14.16 -10.66 -3.09
CA GLY D 198 15.44 -10.24 -3.63
C GLY D 198 16.45 -9.94 -2.54
N ILE D 199 16.00 -9.31 -1.45
CA ILE D 199 16.91 -9.10 -0.32
C ILE D 199 17.33 -10.43 0.27
N MET D 200 16.36 -11.33 0.48
CA MET D 200 16.63 -12.65 1.05
C MET D 200 17.72 -13.40 0.26
N MET D 201 17.55 -13.51 -1.07
CA MET D 201 18.53 -14.24 -1.88
C MET D 201 19.87 -13.55 -1.92
N ASP D 202 19.90 -12.23 -1.85
CA ASP D 202 21.18 -11.53 -1.76
C ASP D 202 21.92 -11.92 -0.48
N ASN D 203 21.22 -11.87 0.66
CA ASN D 203 21.80 -12.27 1.94
C ASN D 203 22.34 -13.69 1.86
N LEU D 204 21.56 -14.60 1.27
CA LEU D 204 22.00 -15.99 1.16
C LEU D 204 23.29 -16.08 0.34
N GLU D 205 23.44 -15.24 -0.71
CA GLU D 205 24.67 -15.27 -1.50
C GLU D 205 25.83 -14.61 -0.77
N ASN D 206 25.59 -13.42 -0.18
CA ASN D 206 26.64 -12.50 0.23
C ASN D 206 26.82 -12.33 1.73
N HIS D 207 25.76 -12.39 2.54
CA HIS D 207 25.91 -11.98 3.91
C HIS D 207 26.77 -12.97 4.68
N PRO D 208 27.80 -12.51 5.39
CA PRO D 208 28.68 -13.43 6.14
C PRO D 208 28.03 -14.06 7.36
N CYS D 209 26.94 -13.49 7.90
CA CYS D 209 26.25 -14.12 9.02
C CYS D 209 25.69 -15.50 8.66
N LEU D 210 25.56 -15.81 7.36
CA LEU D 210 25.01 -17.10 6.96
C LEU D 210 26.09 -18.08 6.49
N ARG D 211 27.35 -17.86 6.90
CA ARG D 211 28.45 -18.81 6.74
C ARG D 211 28.80 -19.46 8.09
N ARG D 212 29.63 -20.50 8.04
CA ARG D 212 30.02 -21.21 9.23
C ARG D 212 31.23 -20.59 9.92
S CXS E . -9.09 20.58 -5.37
O1 CXS E . -10.30 21.47 -5.24
O2 CXS E . -9.70 19.21 -5.12
O3 CXS E . -8.49 20.69 -6.76
C1 CXS E . -7.85 20.90 -4.08
C2 CXS E . -7.33 19.56 -3.59
C3 CXS E . -6.23 19.81 -2.56
N CXS E . -6.87 20.23 -1.32
C4 CXS E . -6.30 21.48 -0.87
C5 CXS E . -7.45 22.49 -0.89
C6 CXS E . -7.12 23.77 -0.14
C7 CXS E . -6.68 23.48 1.30
C8 CXS E . -5.54 22.48 1.37
C9 CXS E . -5.81 21.23 0.55
P PO4 F . -13.22 24.73 -8.71
O1 PO4 F . -14.45 25.39 -8.15
O2 PO4 F . -13.40 24.50 -10.19
O3 PO4 F . -12.02 25.62 -8.45
O4 PO4 F . -13.05 23.40 -8.01
C1 STR G . 2.37 16.06 -20.10
C2 STR G . 2.05 14.64 -19.60
C3 STR G . 2.06 14.56 -18.15
O3 STR G . 1.26 13.87 -17.54
C4 STR G . 3.15 15.24 -17.50
C5 STR G . 3.84 16.23 -18.09
C6 STR G . 5.02 16.81 -17.42
C7 STR G . 6.28 16.69 -18.29
C8 STR G . 6.08 17.13 -19.76
C9 STR G . 4.82 16.50 -20.38
C10 STR G . 3.58 16.74 -19.49
C11 STR G . 4.63 16.97 -21.83
C12 STR G . 5.90 16.77 -22.72
C13 STR G . 7.18 17.37 -22.08
C14 STR G . 7.27 16.79 -20.65
C15 STR G . 8.67 17.18 -20.21
C16 STR G . 9.52 16.85 -21.42
C17 STR G . 8.57 16.89 -22.64
C18 STR G . 7.15 18.90 -22.10
C19 STR G . 3.27 18.23 -19.36
C20 STR G . 9.10 17.69 -23.79
O20 STR G . 9.98 18.58 -23.63
C21 STR G . 8.58 17.38 -25.16
P PO4 H . 8.16 9.71 -12.54
O1 PO4 H . 8.80 9.76 -11.17
O2 PO4 H . 6.65 9.49 -12.42
O3 PO4 H . 8.48 11.02 -13.26
O4 PO4 H . 8.76 8.58 -13.37
C1 STR I . 6.23 -7.53 19.42
C2 STR I . 5.44 -8.75 18.97
C3 STR I . 4.71 -8.48 17.73
O3 STR I . 3.56 -8.88 17.57
C4 STR I . 5.42 -7.69 16.74
C5 STR I . 6.54 -7.00 17.02
C6 STR I . 7.22 -6.21 15.94
C7 STR I . 7.48 -4.77 16.36
C8 STR I . 8.26 -4.73 17.67
C9 STR I . 7.51 -5.49 18.77
C10 STR I . 7.17 -6.95 18.39
C11 STR I . 8.22 -5.36 20.12
C12 STR I . 8.44 -3.90 20.55
C13 STR I . 9.25 -3.14 19.47
C14 STR I . 8.49 -3.31 18.13
C15 STR I . 9.23 -2.34 17.22
C16 STR I . 9.47 -1.10 18.10
C17 STR I . 9.26 -1.58 19.57
C18 STR I . 10.69 -3.69 19.39
C19 STR I . 8.43 -7.82 18.34
C20 STR I . 10.25 -0.99 20.54
O20 STR I . 11.34 -0.48 20.17
C21 STR I . 9.88 -1.00 22.00
P PO4 J . 0.22 -2.58 10.65
O1 PO4 J . -0.44 -1.52 11.50
O2 PO4 J . -0.44 -2.65 9.29
O3 PO4 J . 1.70 -2.25 10.46
O4 PO4 J . 0.05 -3.91 11.38
C1 STR K . 4.77 -21.88 2.23
C2 STR K . 4.11 -21.36 3.50
C3 STR K . 4.77 -21.90 4.69
O3 STR K . 4.11 -22.28 5.66
C4 STR K . 6.21 -21.96 4.63
C5 STR K . 6.91 -21.83 3.49
C6 STR K . 8.40 -21.90 3.51
C7 STR K . 8.93 -22.94 2.57
C8 STR K . 8.40 -22.72 1.15
C9 STR K . 6.87 -22.68 1.13
C10 STR K . 6.28 -21.66 2.13
C11 STR K . 6.35 -22.52 -0.30
C12 STR K . 6.90 -23.59 -1.28
C13 STR K . 8.44 -23.73 -1.21
C14 STR K . 8.82 -23.88 0.26
C15 STR K . 10.29 -24.28 0.20
C16 STR K . 10.33 -25.29 -0.93
C17 STR K . 9.05 -25.06 -1.78
C18 STR K . 9.10 -22.49 -1.85
C19 STR K . 6.54 -20.21 1.68
C20 STR K . 9.29 -25.10 -3.28
O20 STR K . 10.27 -24.51 -3.82
C21 STR K . 8.37 -25.93 -4.11
P PO4 L . 10.92 -27.15 10.86
O1 PO4 L . 11.79 -27.09 12.08
O2 PO4 L . 9.60 -26.50 11.24
O3 PO4 L . 11.59 -26.41 9.71
O4 PO4 L . 10.70 -28.58 10.41
P PO4 M . -26.09 -39.06 8.20
O1 PO4 M . -25.78 -38.92 9.67
O2 PO4 M . -27.59 -39.18 8.01
O3 PO4 M . -25.59 -37.85 7.46
O4 PO4 M . -25.44 -40.32 7.67
#